data_9ECP
#
_entry.id   9ECP
#
_cell.length_a   1.00
_cell.length_b   1.00
_cell.length_c   1.00
_cell.angle_alpha   90.00
_cell.angle_beta   90.00
_cell.angle_gamma   90.00
#
_symmetry.space_group_name_H-M   'P 1'
#
loop_
_entity.id
_entity.type
_entity.pdbx_description
1 polymer 'Histone H3.1'
2 polymer 'Histone H4'
3 polymer 'Histone H2A type 3'
4 polymer 'Histone H2B type 1-K'
5 polymer 'DNA (145-MER)'
6 water water
#
loop_
_entity_poly.entity_id
_entity_poly.type
_entity_poly.pdbx_seq_one_letter_code
_entity_poly.pdbx_strand_id
1 'polypeptide(L)'
;PHRYRPGTVALREIRRYQKSTELLIRKLPFQRLVREIAQDFKTDLRFQSSAVMALQEACEAYLVGLFEDTNLCAIHAKRV
TIMPKDIQLARRIRGE
;
A,E
2 'polypeptide(L)'
;VLRDNIQGITKPAIRRLARRGGVKRISGLIYEETRGVLKVFLENVIRDAVTYTEHAKRKTVTAMDVVYALKRQGRTLYGF
GG
;
B,F
3 'polypeptide(L)'
;ARAKAKSRSSRAGLQFPVGRVHRLLRKGNYSERVGAGAPVYLAAVLEYLTAEILELAGNAARDNKKTRIIPRHLQLAIRN
DEELNKLLGRVTIAQGGVLPNIQAVLLPK
;
C,G
4 'polypeptide(L)'
;RSRKESYSVYVYKVLKQVHPDTGISSKAMGIMNSFVNDIFERIAGEASRLAHYNKRSTITSREIQTAVRLLLPGELAKHA
VSEGTKAVTKYTSA
;
D,H
5 'polydeoxyribonucleotide'
;(DA)(DT)(DC)(DA)(DC)(DA)(DA)(DT)(DC)(DC)(DC)(DG)(DG)(DT)(DG)(DC)(DC)(DG)(DA)(DG)
(DG)(DC)(DC)(DG)(DC)(DT)(DC)(DA)(DA)(DT)(DT)(DG)(DG)(DT)(DC)(DG)(DT)(DA)(DG)(DA)
(DC)(DA)(DG)(DC)(DT)(DC)(DT)(DA)(DG)(DC)(DA)(DC)(DC)(DG)(DC)(DT)(DT)(DA)(DA)(DA)
(DC)(DG)(DC)(DA)(DC)(DG)(DT)(DA)(DC)(DG)(DG)(DA)(DT)(DT)(DC)(DC)(DG)(DT)(DA)(DC)
(DG)(DT)(DG)(DC)(DG)(DT)(DT)(DT)(DA)(DA)(DG)(DC)(DG)(DG)(DT)(DG)(DC)(DT)(DA)(DG)
(DA)(DG)(DC)(DT)(DG)(DT)(DC)(DT)(DA)(DC)(DG)(DA)(DC)(DC)(DA)(DA)(DT)(DT)(DG)(DA)
(DG)(DC)(DG)(DG)(DC)(DC)(DT)(DC)(DG)(DG)(DC)(DA)(DC)(DC)(DG)(DG)(DG)(DA)(DT)(DT)
(DG)(DT)(DG)(DA)(DT)
;
I,J
#
loop_
_chem_comp.id
_chem_comp.type
_chem_comp.name
_chem_comp.formula
DA DNA linking 2'-DEOXYADENOSINE-5'-MONOPHOSPHATE 'C10 H14 N5 O6 P'
DC DNA linking 2'-DEOXYCYTIDINE-5'-MONOPHOSPHATE 'C9 H14 N3 O7 P'
DG DNA linking 2'-DEOXYGUANOSINE-5'-MONOPHOSPHATE 'C10 H14 N5 O7 P'
DT DNA linking THYMIDINE-5'-MONOPHOSPHATE 'C10 H15 N2 O8 P'
#
# COMPACT_ATOMS: atom_id res chain seq x y z
N PRO A 1 -37.71 -27.78 -31.62
CA PRO A 1 -37.57 -26.89 -30.47
C PRO A 1 -36.42 -25.89 -30.64
N HIS A 2 -36.60 -24.67 -30.17
CA HIS A 2 -35.58 -23.65 -30.32
C HIS A 2 -34.45 -23.89 -29.33
N ARG A 3 -33.21 -23.69 -29.81
CA ARG A 3 -32.02 -23.81 -28.99
C ARG A 3 -31.02 -22.75 -29.40
N TYR A 4 -30.49 -22.02 -28.43
CA TYR A 4 -29.42 -21.07 -28.69
C TYR A 4 -28.08 -21.80 -28.77
N ARG A 5 -27.19 -21.29 -29.61
CA ARG A 5 -25.86 -21.86 -29.76
C ARG A 5 -25.04 -21.62 -28.49
N PRO A 6 -24.08 -22.50 -28.18
CA PRO A 6 -23.26 -22.33 -26.97
C PRO A 6 -22.43 -21.06 -27.03
N GLY A 7 -22.53 -20.25 -25.97
CA GLY A 7 -21.92 -18.95 -25.91
C GLY A 7 -22.87 -17.79 -26.11
N THR A 8 -24.02 -18.01 -26.74
CA THR A 8 -24.99 -16.94 -26.95
C THR A 8 -25.63 -16.51 -25.63
N VAL A 9 -26.07 -17.49 -24.82
CA VAL A 9 -26.67 -17.17 -23.53
C VAL A 9 -25.62 -16.63 -22.56
N ALA A 10 -24.39 -17.14 -22.64
CA ALA A 10 -23.30 -16.65 -21.78
C ALA A 10 -22.98 -15.18 -22.05
N LEU A 11 -22.98 -14.76 -23.31
CA LEU A 11 -22.77 -13.35 -23.63
C LEU A 11 -23.96 -12.50 -23.18
N ARG A 12 -25.17 -13.05 -23.25
CA ARG A 12 -26.35 -12.37 -22.72
C ARG A 12 -26.24 -12.19 -21.21
N GLU A 13 -25.72 -13.20 -20.51
CA GLU A 13 -25.58 -13.12 -19.06
C GLU A 13 -24.52 -12.11 -18.65
N ILE A 14 -23.45 -11.97 -19.45
CA ILE A 14 -22.41 -10.98 -19.15
C ILE A 14 -23.00 -9.57 -19.21
N ARG A 15 -23.81 -9.31 -20.24
CA ARG A 15 -24.47 -8.00 -20.37
C ARG A 15 -25.48 -7.79 -19.25
N ARG A 16 -26.14 -8.86 -18.78
CA ARG A 16 -27.11 -8.68 -17.71
C ARG A 16 -26.42 -8.31 -16.39
N TYR A 17 -25.36 -9.03 -16.02
CA TYR A 17 -24.78 -8.84 -14.70
C TYR A 17 -23.79 -7.67 -14.63
N GLN A 18 -23.24 -7.22 -15.77
CA GLN A 18 -22.37 -6.05 -15.73
C GLN A 18 -23.13 -4.75 -15.62
N LYS A 19 -24.41 -4.73 -15.98
CA LYS A 19 -25.21 -3.51 -15.90
C LYS A 19 -25.99 -3.37 -14.60
N SER A 20 -25.97 -4.36 -13.73
CA SER A 20 -26.70 -4.32 -12.47
C SER A 20 -25.72 -4.39 -11.29
N THR A 21 -26.24 -4.06 -10.09
CA THR A 21 -25.38 -3.90 -8.92
C THR A 21 -25.73 -4.79 -7.72
N GLU A 22 -26.72 -5.68 -7.83
CA GLU A 22 -27.11 -6.49 -6.67
C GLU A 22 -26.04 -7.53 -6.35
N LEU A 23 -26.05 -7.99 -5.10
CA LEU A 23 -25.14 -9.06 -4.70
C LEU A 23 -25.55 -10.39 -5.35
N LEU A 24 -24.55 -11.20 -5.67
CA LEU A 24 -24.77 -12.41 -6.46
C LEU A 24 -24.68 -13.69 -5.65
N ILE A 25 -24.22 -13.63 -4.39
CA ILE A 25 -24.24 -14.77 -3.47
C ILE A 25 -25.45 -14.63 -2.55
N ARG A 26 -26.14 -15.75 -2.31
CA ARG A 26 -27.28 -15.76 -1.39
C ARG A 26 -26.84 -15.38 0.02
N LYS A 27 -27.70 -14.61 0.71
CA LYS A 27 -27.28 -13.92 1.93
C LYS A 27 -27.13 -14.87 3.10
N LEU A 28 -28.10 -15.76 3.30
CA LEU A 28 -28.05 -16.70 4.43
C LEU A 28 -26.89 -17.69 4.40
N PRO A 29 -26.54 -18.36 3.28
CA PRO A 29 -25.34 -19.22 3.34
C PRO A 29 -24.03 -18.46 3.47
N PHE A 30 -23.96 -17.21 3.02
CA PHE A 30 -22.76 -16.42 3.27
C PHE A 30 -22.60 -16.10 4.75
N GLN A 31 -23.72 -15.80 5.42
CA GLN A 31 -23.69 -15.49 6.85
C GLN A 31 -23.23 -16.69 7.67
N ARG A 32 -23.67 -17.90 7.29
CA ARG A 32 -23.22 -19.11 7.96
C ARG A 32 -21.73 -19.34 7.75
N LEU A 33 -21.21 -19.00 6.56
CA LEU A 33 -19.77 -19.16 6.29
C LEU A 33 -18.94 -18.21 7.15
N VAL A 34 -19.40 -16.96 7.31
CA VAL A 34 -18.69 -15.97 8.12
C VAL A 34 -18.64 -16.42 9.58
N ARG A 35 -19.76 -16.91 10.10
CA ARG A 35 -19.82 -17.33 11.50
C ARG A 35 -18.98 -18.58 11.75
N GLU A 36 -18.92 -19.48 10.76
CA GLU A 36 -18.06 -20.67 10.86
C GLU A 36 -16.59 -20.29 10.96
N ILE A 37 -16.15 -19.37 10.10
CA ILE A 37 -14.75 -18.94 10.07
C ILE A 37 -14.37 -18.22 11.36
N ALA A 38 -15.29 -17.42 11.89
CA ALA A 38 -15.01 -16.63 13.09
C ALA A 38 -14.93 -17.48 14.36
N GLN A 39 -15.43 -18.72 14.33
CA GLN A 39 -15.38 -19.60 15.51
C GLN A 39 -13.96 -19.99 15.88
N ASP A 40 -13.06 -20.03 14.90
CA ASP A 40 -11.67 -20.39 15.18
C ASP A 40 -10.87 -19.27 15.82
N PHE A 41 -11.40 -18.05 15.86
CA PHE A 41 -10.69 -16.92 16.50
C PHE A 41 -11.26 -16.57 17.86
N LYS A 42 -12.57 -16.60 18.04
CA LYS A 42 -13.19 -16.35 19.34
C LYS A 42 -14.55 -17.02 19.37
N THR A 43 -14.82 -17.76 20.43
CA THR A 43 -16.11 -18.41 20.59
C THR A 43 -17.17 -17.41 21.04
N ASP A 44 -18.42 -17.75 20.73
CA ASP A 44 -19.62 -17.00 21.14
C ASP A 44 -19.63 -15.56 20.65
N LEU A 45 -19.08 -15.33 19.46
CA LEU A 45 -19.11 -14.00 18.86
C LEU A 45 -20.50 -13.64 18.33
N ARG A 46 -20.80 -12.35 18.38
N ARG A 46 -20.80 -12.35 18.38
CA ARG A 46 -21.99 -11.79 17.76
CA ARG A 46 -21.99 -11.81 17.74
C ARG A 46 -21.57 -10.89 16.61
C ARG A 46 -21.58 -10.89 16.60
N PHE A 47 -22.50 -10.69 15.66
N PHE A 47 -22.50 -10.69 15.66
CA PHE A 47 -22.24 -9.87 14.48
CA PHE A 47 -22.24 -9.87 14.48
C PHE A 47 -23.37 -8.86 14.30
N GLN A 48 -23.01 -7.61 14.05
CA GLN A 48 -23.99 -6.65 13.57
C GLN A 48 -24.39 -7.05 12.14
N SER A 49 -25.63 -6.74 11.77
CA SER A 49 -26.12 -7.10 10.44
C SER A 49 -25.35 -6.36 9.35
N SER A 50 -24.98 -5.10 9.61
CA SER A 50 -24.20 -4.34 8.62
C SER A 50 -22.76 -4.82 8.53
N ALA A 51 -22.24 -5.49 9.57
CA ALA A 51 -20.89 -6.05 9.50
C ALA A 51 -20.81 -7.21 8.52
N VAL A 52 -21.82 -8.09 8.53
CA VAL A 52 -21.87 -9.20 7.58
C VAL A 52 -22.07 -8.67 6.17
N MET A 53 -22.89 -7.63 6.00
CA MET A 53 -23.14 -7.04 4.69
C MET A 53 -21.88 -6.38 4.12
N ALA A 54 -21.09 -5.73 4.97
CA ALA A 54 -19.82 -5.14 4.54
C ALA A 54 -18.84 -6.20 4.11
N LEU A 55 -18.83 -7.35 4.81
CA LEU A 55 -17.97 -8.47 4.41
C LEU A 55 -18.39 -9.02 3.05
N GLN A 56 -19.69 -9.12 2.79
CA GLN A 56 -20.16 -9.66 1.52
C GLN A 56 -19.86 -8.73 0.35
N GLU A 57 -20.02 -7.42 0.56
CA GLU A 57 -19.71 -6.45 -0.50
C GLU A 57 -18.22 -6.45 -0.82
N ALA A 58 -17.36 -6.60 0.20
CA ALA A 58 -15.93 -6.68 -0.04
C ALA A 58 -15.54 -7.98 -0.74
N CYS A 59 -16.18 -9.09 -0.38
CA CYS A 59 -15.80 -10.40 -0.92
C CYS A 59 -16.22 -10.52 -2.38
N GLU A 60 -17.43 -10.07 -2.71
CA GLU A 60 -17.88 -10.13 -4.10
C GLU A 60 -17.07 -9.20 -4.99
N ALA A 61 -16.65 -8.05 -4.46
CA ALA A 61 -15.81 -7.14 -5.23
C ALA A 61 -14.42 -7.72 -5.47
N TYR A 62 -13.88 -8.45 -4.48
CA TYR A 62 -12.59 -9.10 -4.64
C TYR A 62 -12.63 -10.20 -5.69
N LEU A 63 -13.70 -11.01 -5.66
CA LEU A 63 -13.80 -12.14 -6.59
C LEU A 63 -14.06 -11.68 -8.02
N VAL A 64 -14.89 -10.65 -8.20
CA VAL A 64 -15.13 -10.07 -9.52
C VAL A 64 -13.84 -9.49 -10.08
N GLY A 65 -13.07 -8.81 -9.22
CA GLY A 65 -11.76 -8.29 -9.63
C GLY A 65 -10.78 -9.37 -10.01
N LEU A 66 -10.81 -10.50 -9.31
CA LEU A 66 -9.92 -11.60 -9.64
C LEU A 66 -10.31 -12.27 -10.95
N PHE A 67 -11.61 -12.35 -11.24
CA PHE A 67 -12.06 -13.02 -12.47
C PHE A 67 -11.71 -12.23 -13.72
N GLU A 68 -11.66 -10.89 -13.67
CA GLU A 68 -11.21 -10.16 -14.86
C GLU A 68 -9.72 -10.34 -15.11
N ASP A 69 -8.91 -10.41 -14.06
CA ASP A 69 -7.48 -10.71 -14.23
C ASP A 69 -7.28 -12.13 -14.72
N THR A 70 -8.09 -13.07 -14.22
CA THR A 70 -8.05 -14.47 -14.67
C THR A 70 -8.39 -14.59 -16.15
N ASN A 71 -9.37 -13.80 -16.61
CA ASN A 71 -9.80 -13.82 -18.01
C ASN A 71 -8.69 -13.33 -18.94
N LEU A 72 -7.91 -12.33 -18.50
CA LEU A 72 -6.80 -11.85 -19.31
C LEU A 72 -5.70 -12.89 -19.46
N CYS A 73 -5.48 -13.69 -18.42
CA CYS A 73 -4.47 -14.76 -18.49
C CYS A 73 -4.88 -15.85 -19.47
N ALA A 74 -6.17 -16.21 -19.49
CA ALA A 74 -6.65 -17.23 -20.42
C ALA A 74 -6.56 -16.77 -21.88
N ILE A 75 -6.91 -15.51 -22.14
CA ILE A 75 -6.83 -14.95 -23.49
C ILE A 75 -5.38 -14.87 -23.95
N HIS A 76 -4.46 -14.58 -23.01
CA HIS A 76 -3.03 -14.55 -23.30
C HIS A 76 -2.52 -15.91 -23.77
N ALA A 77 -3.10 -17.00 -23.27
CA ALA A 77 -2.77 -18.35 -23.71
C ALA A 77 -3.58 -18.81 -24.92
N LYS A 78 -4.22 -17.87 -25.62
CA LYS A 78 -5.11 -18.12 -26.78
C LYS A 78 -6.24 -19.08 -26.43
N ARG A 79 -6.84 -18.89 -25.26
CA ARG A 79 -8.00 -19.65 -24.82
C ARG A 79 -9.15 -18.69 -24.51
N VAL A 80 -10.37 -19.22 -24.55
CA VAL A 80 -11.55 -18.50 -24.07
C VAL A 80 -12.10 -19.12 -22.79
N THR A 81 -11.51 -20.19 -22.29
CA THR A 81 -11.97 -20.89 -21.09
C THR A 81 -10.99 -20.63 -19.95
N ILE A 82 -11.51 -20.17 -18.81
CA ILE A 82 -10.66 -19.96 -17.64
C ILE A 82 -10.45 -21.30 -16.93
N MET A 83 -9.24 -21.51 -16.44
CA MET A 83 -8.75 -22.74 -15.84
C MET A 83 -8.07 -22.39 -14.52
N PRO A 84 -7.89 -23.37 -13.61
CA PRO A 84 -7.22 -23.07 -12.33
C PRO A 84 -5.81 -22.50 -12.44
N LYS A 85 -5.06 -22.84 -13.50
CA LYS A 85 -3.75 -22.25 -13.69
C LYS A 85 -3.82 -20.77 -14.05
N ASP A 86 -4.95 -20.31 -14.61
CA ASP A 86 -5.13 -18.88 -14.86
C ASP A 86 -5.30 -18.11 -13.55
N ILE A 87 -6.08 -18.66 -12.61
CA ILE A 87 -6.27 -18.05 -11.29
C ILE A 87 -4.95 -17.99 -10.54
N GLN A 88 -4.17 -19.07 -10.61
CA GLN A 88 -2.91 -19.16 -9.87
C GLN A 88 -1.88 -18.18 -10.42
N LEU A 89 -1.85 -17.97 -11.75
CA LEU A 89 -0.94 -17.00 -12.33
C LEU A 89 -1.30 -15.58 -11.91
N ALA A 90 -2.60 -15.25 -11.93
CA ALA A 90 -3.05 -13.90 -11.56
C ALA A 90 -2.73 -13.59 -10.10
N ARG A 91 -2.92 -14.56 -9.20
CA ARG A 91 -2.65 -14.33 -7.79
C ARG A 91 -1.14 -14.23 -7.52
N ARG A 92 -0.33 -14.94 -8.30
CA ARG A 92 1.13 -14.86 -8.16
C ARG A 92 1.64 -13.48 -8.58
N ILE A 93 1.14 -12.94 -9.70
CA ILE A 93 1.59 -11.64 -10.18
C ILE A 93 1.09 -10.52 -9.25
N ARG A 94 -0.13 -10.67 -8.71
CA ARG A 94 -0.66 -9.73 -7.74
C ARG A 94 0.13 -9.73 -6.42
N GLY A 95 0.83 -10.81 -6.12
CA GLY A 95 1.54 -10.93 -4.86
C GLY A 95 0.77 -11.58 -3.74
N GLU A 96 -0.38 -12.19 -4.02
CA GLU A 96 -1.16 -12.87 -3.01
C GLU A 96 -0.54 -14.22 -2.65
N VAL B 1 -22.15 -25.83 16.70
CA VAL B 1 -20.88 -25.84 15.97
C VAL B 1 -21.15 -26.04 14.49
N LEU B 2 -20.92 -24.99 13.71
CA LEU B 2 -21.20 -25.01 12.29
C LEU B 2 -20.12 -25.77 11.53
N ARG B 3 -20.50 -26.38 10.41
CA ARG B 3 -19.57 -27.19 9.64
C ARG B 3 -20.00 -27.22 8.17
N ASP B 4 -18.99 -27.20 7.29
CA ASP B 4 -19.11 -27.42 5.84
C ASP B 4 -20.05 -26.41 5.17
N ASN B 5 -19.91 -25.15 5.54
CA ASN B 5 -20.73 -24.11 4.95
C ASN B 5 -20.13 -23.52 3.68
N ILE B 6 -18.92 -23.94 3.30
CA ILE B 6 -18.28 -23.41 2.08
C ILE B 6 -19.00 -23.92 0.83
N GLN B 7 -19.67 -25.07 0.92
CA GLN B 7 -20.46 -25.58 -0.20
C GLN B 7 -21.75 -24.81 -0.42
N GLY B 8 -22.14 -23.92 0.51
CA GLY B 8 -23.21 -22.98 0.25
C GLY B 8 -22.88 -21.92 -0.78
N ILE B 9 -21.61 -21.75 -1.11
CA ILE B 9 -21.19 -20.90 -2.23
C ILE B 9 -21.32 -21.78 -3.46
N THR B 10 -22.50 -21.75 -4.08
CA THR B 10 -22.86 -22.73 -5.09
C THR B 10 -22.18 -22.43 -6.42
N LYS B 11 -22.21 -23.44 -7.29
CA LYS B 11 -21.75 -23.28 -8.67
C LYS B 11 -22.51 -22.19 -9.46
N PRO B 12 -23.85 -22.06 -9.42
CA PRO B 12 -24.46 -20.88 -10.10
C PRO B 12 -24.06 -19.53 -9.53
N ALA B 13 -23.77 -19.45 -8.23
CA ALA B 13 -23.31 -18.19 -7.64
C ALA B 13 -21.93 -17.80 -8.16
N ILE B 14 -21.02 -18.77 -8.24
CA ILE B 14 -19.67 -18.51 -8.75
C ILE B 14 -19.71 -18.11 -10.22
N ARG B 15 -20.59 -18.75 -10.99
N ARG B 15 -20.59 -18.75 -10.99
CA ARG B 15 -20.74 -18.41 -12.41
CA ARG B 15 -20.77 -18.42 -12.41
C ARG B 15 -21.25 -16.98 -12.59
N ARG B 16 -22.19 -16.54 -11.74
CA ARG B 16 -22.69 -15.17 -11.80
C ARG B 16 -21.59 -14.15 -11.52
N LEU B 17 -20.71 -14.44 -10.56
CA LEU B 17 -19.57 -13.58 -10.29
C LEU B 17 -18.61 -13.53 -11.49
N ALA B 18 -18.41 -14.67 -12.15
CA ALA B 18 -17.54 -14.71 -13.33
C ALA B 18 -18.15 -13.93 -14.49
N ARG B 19 -19.49 -13.97 -14.64
CA ARG B 19 -20.16 -13.20 -15.68
C ARG B 19 -19.99 -11.69 -15.48
N ARG B 20 -20.11 -11.22 -14.24
CA ARG B 20 -19.84 -9.82 -13.94
C ARG B 20 -18.39 -9.46 -14.24
N GLY B 21 -17.47 -10.42 -14.08
CA GLY B 21 -16.10 -10.27 -14.48
C GLY B 21 -15.81 -10.40 -15.96
N GLY B 22 -16.82 -10.65 -16.79
CA GLY B 22 -16.62 -10.74 -18.23
C GLY B 22 -16.21 -12.09 -18.77
N VAL B 23 -16.39 -13.17 -18.01
CA VAL B 23 -15.92 -14.50 -18.40
C VAL B 23 -17.01 -15.20 -19.21
N LYS B 24 -16.62 -15.76 -20.36
CA LYS B 24 -17.54 -16.44 -21.27
C LYS B 24 -17.63 -17.95 -21.05
N ARG B 25 -16.51 -18.62 -20.75
CA ARG B 25 -16.47 -20.07 -20.65
C ARG B 25 -15.64 -20.49 -19.43
N ILE B 26 -16.15 -21.47 -18.67
CA ILE B 26 -15.62 -21.81 -17.34
C ILE B 26 -15.35 -23.31 -17.27
N SER B 27 -14.13 -23.69 -16.92
N SER B 27 -14.13 -23.68 -16.93
CA SER B 27 -13.80 -25.09 -16.74
CA SER B 27 -13.79 -25.08 -16.73
C SER B 27 -14.39 -25.61 -15.44
N GLY B 28 -14.61 -26.94 -15.39
CA GLY B 28 -15.28 -27.55 -14.26
C GLY B 28 -14.50 -27.50 -12.95
N LEU B 29 -13.18 -27.35 -13.02
CA LEU B 29 -12.35 -27.31 -11.83
C LEU B 29 -12.25 -25.92 -11.20
N ILE B 30 -12.90 -24.91 -11.79
CA ILE B 30 -12.84 -23.54 -11.28
C ILE B 30 -13.53 -23.43 -9.92
N TYR B 31 -14.65 -24.16 -9.74
CA TYR B 31 -15.53 -23.93 -8.59
C TYR B 31 -14.88 -24.29 -7.26
N GLU B 32 -14.14 -25.40 -7.21
CA GLU B 32 -13.44 -25.75 -5.99
C GLU B 32 -12.24 -24.83 -5.74
N GLU B 33 -11.60 -24.36 -6.82
CA GLU B 33 -10.48 -23.43 -6.69
C GLU B 33 -10.96 -22.07 -6.14
N THR B 34 -12.13 -21.60 -6.60
CA THR B 34 -12.67 -20.33 -6.15
C THR B 34 -13.04 -20.38 -4.66
N ARG B 35 -13.60 -21.51 -4.20
CA ARG B 35 -13.98 -21.67 -2.80
C ARG B 35 -12.76 -21.60 -1.88
N GLY B 36 -11.63 -22.15 -2.32
CA GLY B 36 -10.41 -22.04 -1.54
C GLY B 36 -9.89 -20.62 -1.45
N VAL B 37 -9.95 -19.88 -2.57
CA VAL B 37 -9.47 -18.50 -2.61
C VAL B 37 -10.33 -17.60 -1.72
N LEU B 38 -11.67 -17.79 -1.77
CA LEU B 38 -12.58 -17.01 -0.94
C LEU B 38 -12.36 -17.26 0.54
N LYS B 39 -12.13 -18.53 0.91
CA LYS B 39 -11.90 -18.89 2.31
C LYS B 39 -10.63 -18.24 2.85
N VAL B 40 -9.57 -18.17 2.03
CA VAL B 40 -8.33 -17.51 2.42
C VAL B 40 -8.56 -16.00 2.61
N PHE B 41 -9.30 -15.36 1.69
CA PHE B 41 -9.61 -13.95 1.81
C PHE B 41 -10.42 -13.64 3.06
N LEU B 42 -11.43 -14.49 3.33
CA LEU B 42 -12.32 -14.25 4.47
C LEU B 42 -11.60 -14.46 5.80
N GLU B 43 -10.74 -15.47 5.88
CA GLU B 43 -9.98 -15.73 7.11
C GLU B 43 -9.06 -14.57 7.46
N ASN B 44 -8.46 -13.93 6.46
CA ASN B 44 -7.54 -12.83 6.73
C ASN B 44 -8.27 -11.58 7.21
N VAL B 45 -9.43 -11.26 6.61
CA VAL B 45 -10.18 -10.07 7.01
C VAL B 45 -10.81 -10.26 8.39
N ILE B 46 -11.40 -11.44 8.63
CA ILE B 46 -12.13 -11.69 9.88
C ILE B 46 -11.18 -11.75 11.07
N ARG B 47 -9.97 -12.29 10.87
CA ARG B 47 -8.96 -12.35 11.94
C ARG B 47 -8.59 -10.95 12.42
N ASP B 48 -8.41 -10.00 11.51
CA ASP B 48 -8.10 -8.63 11.91
C ASP B 48 -9.31 -7.93 12.51
N ALA B 49 -10.52 -8.20 11.99
CA ALA B 49 -11.73 -7.57 12.53
C ALA B 49 -12.02 -8.01 13.95
N VAL B 50 -11.83 -9.30 14.25
CA VAL B 50 -11.99 -9.81 15.61
C VAL B 50 -10.91 -9.22 16.54
N THR B 51 -9.70 -8.99 16.02
CA THR B 51 -8.63 -8.36 16.80
C THR B 51 -9.01 -6.94 17.23
N TYR B 52 -9.61 -6.16 16.32
CA TYR B 52 -10.15 -4.85 16.71
C TYR B 52 -11.28 -4.98 17.72
N THR B 53 -12.12 -6.01 17.58
CA THR B 53 -13.24 -6.22 18.50
C THR B 53 -12.76 -6.57 19.90
N GLU B 54 -11.75 -7.46 20.00
CA GLU B 54 -11.22 -7.87 21.30
C GLU B 54 -10.49 -6.74 22.00
N HIS B 55 -9.83 -5.86 21.24
CA HIS B 55 -9.12 -4.73 21.84
C HIS B 55 -10.09 -3.74 22.48
N ALA B 56 -11.29 -3.60 21.91
CA ALA B 56 -12.31 -2.71 22.45
C ALA B 56 -13.09 -3.33 23.60
N LYS B 57 -12.73 -4.54 24.05
CA LYS B 57 -13.45 -5.32 25.06
C LYS B 57 -14.92 -5.51 24.71
N ARG B 58 -15.18 -5.78 23.43
CA ARG B 58 -16.54 -6.00 22.94
C ARG B 58 -16.73 -7.48 22.61
N LYS B 59 -17.98 -7.89 22.54
CA LYS B 59 -18.34 -9.24 22.13
C LYS B 59 -19.05 -9.26 20.79
N THR B 60 -19.26 -8.11 20.17
CA THR B 60 -19.99 -7.98 18.92
C THR B 60 -19.09 -7.35 17.86
N VAL B 61 -18.94 -8.02 16.72
CA VAL B 61 -18.21 -7.45 15.60
C VAL B 61 -19.08 -6.40 14.94
N THR B 62 -18.57 -5.18 14.84
CA THR B 62 -19.29 -4.08 14.21
C THR B 62 -18.84 -3.88 12.77
N ALA B 63 -19.61 -3.06 12.05
CA ALA B 63 -19.25 -2.72 10.68
C ALA B 63 -17.96 -1.91 10.63
N MET B 64 -17.72 -1.09 11.66
CA MET B 64 -16.49 -0.30 11.71
C MET B 64 -15.26 -1.17 11.91
N ASP B 65 -15.40 -2.28 12.65
CA ASP B 65 -14.30 -3.24 12.78
C ASP B 65 -13.93 -3.86 11.43
N VAL B 66 -14.93 -4.15 10.60
CA VAL B 66 -14.68 -4.71 9.27
C VAL B 66 -14.03 -3.65 8.37
N VAL B 67 -14.52 -2.40 8.43
CA VAL B 67 -14.00 -1.32 7.60
C VAL B 67 -12.53 -1.04 7.93
N TYR B 68 -12.18 -1.03 9.22
CA TYR B 68 -10.79 -0.84 9.64
C TYR B 68 -9.90 -1.99 9.17
N ALA B 69 -10.41 -3.23 9.25
CA ALA B 69 -9.65 -4.41 8.83
C ALA B 69 -9.39 -4.39 7.33
N LEU B 70 -10.39 -3.99 6.53
CA LEU B 70 -10.22 -3.91 5.09
C LEU B 70 -9.23 -2.80 4.70
N LYS B 71 -9.28 -1.67 5.41
CA LYS B 71 -8.42 -0.53 5.09
C LYS B 71 -6.95 -0.85 5.31
N ARG B 72 -6.63 -1.54 6.41
CA ARG B 72 -5.25 -1.89 6.70
C ARG B 72 -4.70 -2.97 5.77
N GLN B 73 -5.57 -3.69 5.06
CA GLN B 73 -5.15 -4.63 4.04
C GLN B 73 -5.11 -4.01 2.65
N GLY B 74 -5.26 -2.69 2.55
CA GLY B 74 -5.21 -2.02 1.26
C GLY B 74 -6.44 -2.18 0.39
N ARG B 75 -7.60 -2.47 1.00
CA ARG B 75 -8.85 -2.74 0.28
C ARG B 75 -9.98 -1.87 0.84
N THR B 76 -9.75 -0.54 0.83
CA THR B 76 -10.67 0.45 1.39
C THR B 76 -12.08 0.35 0.81
N LEU B 77 -13.08 0.36 1.70
CA LEU B 77 -14.49 0.18 1.35
C LEU B 77 -15.27 1.43 1.73
N TYR B 78 -15.96 2.03 0.76
CA TYR B 78 -16.86 3.15 0.99
C TYR B 78 -18.29 2.65 1.11
N GLY B 79 -19.05 3.22 2.04
CA GLY B 79 -20.47 2.93 2.16
C GLY B 79 -20.93 2.36 3.48
N PHE B 80 -20.04 2.13 4.44
CA PHE B 80 -20.42 1.58 5.73
C PHE B 80 -19.86 2.40 6.89
N GLY B 81 -19.48 3.65 6.63
CA GLY B 81 -18.97 4.52 7.66
C GLY B 81 -17.48 4.82 7.63
N GLY B 82 -16.77 4.40 6.59
CA GLY B 82 -15.34 4.67 6.52
C GLY B 82 -14.64 4.27 5.23
N ALA C 1 22.40 11.70 48.25
CA ALA C 1 21.28 11.25 49.07
C ALA C 1 20.36 10.31 48.30
N ARG C 2 20.23 10.53 47.00
CA ARG C 2 19.37 9.72 46.16
C ARG C 2 20.08 8.44 45.74
N ALA C 3 19.28 7.43 45.39
CA ALA C 3 19.83 6.15 44.97
C ALA C 3 20.53 6.27 43.62
N LYS C 4 21.52 5.41 43.39
CA LYS C 4 22.24 5.40 42.14
C LYS C 4 21.33 4.94 41.01
N ALA C 5 21.45 5.62 39.86
CA ALA C 5 20.60 5.36 38.72
C ALA C 5 20.86 3.97 38.13
N LYS C 6 19.79 3.36 37.64
CA LYS C 6 19.87 2.03 37.07
C LYS C 6 18.83 1.98 35.96
N SER C 7 19.26 1.60 34.75
CA SER C 7 18.51 1.89 33.54
C SER C 7 17.22 1.06 33.45
N ARG C 8 16.25 1.61 32.72
CA ARG C 8 14.99 0.91 32.52
C ARG C 8 15.16 -0.33 31.65
N SER C 9 16.15 -0.29 30.74
N SER C 9 16.16 -0.30 30.74
CA SER C 9 16.47 -1.47 29.93
CA SER C 9 16.44 -1.48 29.93
C SER C 9 16.97 -2.62 30.79
C SER C 9 16.98 -2.63 30.78
N SER C 10 17.84 -2.32 31.76
N SER C 10 17.84 -2.33 31.76
CA SER C 10 18.34 -3.37 32.66
CA SER C 10 18.34 -3.36 32.65
C SER C 10 17.26 -3.83 33.62
N ARG C 11 16.30 -2.95 33.95
CA ARG C 11 15.14 -3.36 34.75
C ARG C 11 14.29 -4.38 34.00
N ALA C 12 14.14 -4.18 32.69
CA ALA C 12 13.34 -5.06 31.85
C ALA C 12 14.11 -6.25 31.30
N GLY C 13 15.42 -6.32 31.57
CA GLY C 13 16.26 -7.37 31.02
C GLY C 13 16.45 -7.32 29.52
N LEU C 14 16.63 -6.12 28.97
CA LEU C 14 16.69 -5.91 27.53
C LEU C 14 18.03 -5.27 27.14
N GLN C 15 18.42 -5.49 25.88
CA GLN C 15 19.57 -4.81 25.31
C GLN C 15 19.19 -3.52 24.59
N PHE C 16 17.98 -3.44 24.03
CA PHE C 16 17.52 -2.24 23.33
C PHE C 16 17.13 -1.14 24.34
N PRO C 17 17.29 0.17 23.97
CA PRO C 17 17.14 1.25 24.96
C PRO C 17 15.69 1.64 25.21
N VAL C 18 15.23 1.41 26.44
CA VAL C 18 13.85 1.73 26.80
C VAL C 18 13.64 3.24 26.87
N GLY C 19 14.60 3.95 27.47
CA GLY C 19 14.47 5.40 27.63
C GLY C 19 14.46 6.16 26.32
N ARG C 20 15.29 5.73 25.36
CA ARG C 20 15.29 6.35 24.04
C ARG C 20 13.98 6.09 23.29
N VAL C 21 13.46 4.86 23.39
CA VAL C 21 12.22 4.49 22.71
C VAL C 21 11.04 5.30 23.26
N HIS C 22 11.03 5.55 24.57
CA HIS C 22 9.98 6.36 25.19
C HIS C 22 10.03 7.81 24.68
N ARG C 23 11.24 8.34 24.51
CA ARG C 23 11.38 9.69 23.96
C ARG C 23 10.90 9.77 22.51
N LEU C 24 11.22 8.74 21.71
CA LEU C 24 10.80 8.72 20.31
C LEU C 24 9.28 8.57 20.18
N LEU C 25 8.66 7.84 21.12
CA LEU C 25 7.20 7.74 21.13
C LEU C 25 6.56 9.08 21.50
N ARG C 26 7.18 9.83 22.42
CA ARG C 26 6.62 11.10 22.87
C ARG C 26 6.68 12.16 21.77
N LYS C 27 7.78 12.27 21.06
CA LYS C 27 7.96 13.35 20.09
C LYS C 27 7.43 13.00 18.70
N GLY C 28 6.91 11.79 18.50
CA GLY C 28 6.41 11.37 17.21
C GLY C 28 4.99 11.75 16.89
N ASN C 29 4.33 12.52 17.78
CA ASN C 29 2.92 12.92 17.66
C ASN C 29 1.99 11.72 17.47
N TYR C 30 2.23 10.68 18.26
CA TYR C 30 1.42 9.47 18.16
C TYR C 30 0.18 9.54 19.04
N SER C 31 0.31 10.15 20.21
CA SER C 31 -0.82 10.38 21.10
C SER C 31 -0.43 11.48 22.08
N GLU C 32 -1.42 11.94 22.84
CA GLU C 32 -1.18 12.96 23.87
C GLU C 32 -0.32 12.42 25.01
N ARG C 33 -0.54 11.16 25.40
CA ARG C 33 0.14 10.56 26.54
C ARG C 33 0.70 9.20 26.16
N VAL C 34 1.81 8.81 26.79
CA VAL C 34 2.45 7.52 26.56
C VAL C 34 2.64 6.84 27.91
N GLY C 35 2.07 5.62 28.05
CA GLY C 35 2.19 4.89 29.30
C GLY C 35 3.57 4.32 29.54
N ALA C 36 3.82 3.93 30.80
CA ALA C 36 5.14 3.46 31.20
C ALA C 36 5.48 2.11 30.58
N GLY C 37 4.50 1.22 30.46
CA GLY C 37 4.77 -0.10 29.91
C GLY C 37 4.96 -0.15 28.40
N ALA C 38 4.47 0.87 27.69
CA ALA C 38 4.55 0.88 26.22
C ALA C 38 5.97 0.89 25.65
N PRO C 39 6.94 1.72 26.10
CA PRO C 39 8.29 1.57 25.52
C PRO C 39 9.01 0.31 25.93
N VAL C 40 8.66 -0.29 27.08
CA VAL C 40 9.22 -1.59 27.46
C VAL C 40 8.79 -2.67 26.48
N TYR C 41 7.50 -2.71 26.16
CA TYR C 41 6.96 -3.69 25.23
C TYR C 41 7.53 -3.51 23.82
N LEU C 42 7.60 -2.25 23.36
CA LEU C 42 8.12 -1.95 22.03
C LEU C 42 9.59 -2.32 21.90
N ALA C 43 10.40 -2.00 22.92
CA ALA C 43 11.83 -2.33 22.88
C ALA C 43 12.06 -3.84 22.86
N ALA C 44 11.24 -4.59 23.59
CA ALA C 44 11.34 -6.04 23.61
C ALA C 44 10.99 -6.66 22.26
N VAL C 45 9.99 -6.09 21.57
CA VAL C 45 9.58 -6.60 20.27
C VAL C 45 10.66 -6.32 19.22
N LEU C 46 11.20 -5.09 19.22
CA LEU C 46 12.25 -4.73 18.27
C LEU C 46 13.52 -5.55 18.49
N GLU C 47 13.86 -5.83 19.75
CA GLU C 47 15.02 -6.66 20.05
C GLU C 47 14.80 -8.11 19.60
N TYR C 48 13.57 -8.62 19.74
CA TYR C 48 13.25 -9.98 19.32
C TYR C 48 13.39 -10.13 17.80
N LEU C 49 12.84 -9.18 17.04
CA LEU C 49 12.89 -9.26 15.58
C LEU C 49 14.31 -9.11 15.05
N THR C 50 15.12 -8.27 15.72
CA THR C 50 16.53 -8.13 15.36
C THR C 50 17.29 -9.44 15.57
N ALA C 51 17.02 -10.13 16.67
CA ALA C 51 17.72 -11.39 16.97
C ALA C 51 17.36 -12.50 15.99
N GLU C 52 16.11 -12.53 15.51
CA GLU C 52 15.71 -13.54 14.53
C GLU C 52 16.42 -13.35 13.19
N ILE C 53 16.54 -12.10 12.73
CA ILE C 53 17.20 -11.82 11.46
C ILE C 53 18.69 -12.12 11.56
N LEU C 54 19.34 -11.66 12.64
CA LEU C 54 20.77 -11.85 12.81
C LEU C 54 21.16 -13.31 12.99
N GLU C 55 20.27 -14.12 13.57
CA GLU C 55 20.53 -15.55 13.69
C GLU C 55 20.54 -16.22 12.31
N LEU C 56 19.56 -15.91 11.48
CA LEU C 56 19.49 -16.51 10.15
C LEU C 56 20.56 -15.94 9.22
N ALA C 57 20.93 -14.67 9.41
CA ALA C 57 21.97 -14.07 8.58
C ALA C 57 23.35 -14.58 8.96
N GLY C 58 23.59 -14.83 10.25
CA GLY C 58 24.85 -15.42 10.67
C GLY C 58 25.03 -16.84 10.15
N ASN C 59 23.93 -17.60 10.07
CA ASN C 59 23.98 -18.93 9.49
C ASN C 59 24.29 -18.88 7.99
N ALA C 60 23.75 -17.87 7.29
CA ALA C 60 24.03 -17.71 5.86
C ALA C 60 25.49 -17.33 5.62
N ALA C 61 26.06 -16.50 6.50
CA ALA C 61 27.47 -16.13 6.39
C ALA C 61 28.38 -17.33 6.65
N ARG C 62 28.02 -18.18 7.61
CA ARG C 62 28.80 -19.39 7.88
C ARG C 62 28.71 -20.38 6.72
N ASP C 63 27.55 -20.45 6.07
CA ASP C 63 27.38 -21.33 4.90
C ASP C 63 28.18 -20.84 3.71
N ASN C 64 28.42 -19.53 3.62
CA ASN C 64 29.22 -18.93 2.56
C ASN C 64 30.70 -18.90 2.97
N LYS C 65 31.00 -19.46 4.16
CA LYS C 65 32.35 -19.49 4.77
C LYS C 65 32.92 -18.09 4.95
N LYS C 66 32.15 -17.23 5.60
CA LYS C 66 32.55 -15.86 5.86
C LYS C 66 32.37 -15.54 7.34
N THR C 67 33.22 -14.66 7.86
CA THR C 67 33.13 -14.24 9.25
C THR C 67 32.10 -13.12 9.42
N ARG C 68 32.06 -12.18 8.48
CA ARG C 68 31.28 -10.95 8.63
C ARG C 68 30.01 -10.99 7.81
N ILE C 69 28.91 -10.55 8.41
CA ILE C 69 27.62 -10.47 7.74
C ILE C 69 27.62 -9.28 6.78
N ILE C 70 27.25 -9.52 5.52
CA ILE C 70 27.19 -8.50 4.48
C ILE C 70 25.73 -8.40 4.02
N PRO C 71 25.32 -7.39 3.23
CA PRO C 71 23.89 -7.30 2.83
C PRO C 71 23.35 -8.48 2.01
N ARG C 72 24.23 -9.21 1.31
CA ARG C 72 23.80 -10.43 0.64
C ARG C 72 23.29 -11.48 1.63
N HIS C 73 23.95 -11.61 2.78
CA HIS C 73 23.54 -12.58 3.79
C HIS C 73 22.19 -12.22 4.41
N LEU C 74 21.92 -10.93 4.60
CA LEU C 74 20.62 -10.49 5.10
C LEU C 74 19.51 -10.80 4.11
N GLN C 75 19.78 -10.60 2.82
CA GLN C 75 18.78 -10.91 1.78
C GLN C 75 18.49 -12.40 1.71
N LEU C 76 19.54 -13.23 1.80
CA LEU C 76 19.35 -14.69 1.79
C LEU C 76 18.59 -15.15 3.03
N ALA C 77 18.83 -14.51 4.18
CA ALA C 77 18.12 -14.87 5.41
C ALA C 77 16.64 -14.54 5.31
N ILE C 78 16.32 -13.35 4.78
CA ILE C 78 14.93 -12.90 4.74
C ILE C 78 14.12 -13.68 3.71
N ARG C 79 14.67 -13.84 2.50
CA ARG C 79 13.89 -14.44 1.42
C ARG C 79 13.73 -15.96 1.56
N ASN C 80 14.57 -16.61 2.36
CA ASN C 80 14.42 -18.05 2.59
C ASN C 80 13.55 -18.38 3.79
N ASP C 81 13.09 -17.38 4.54
CA ASP C 81 12.20 -17.58 5.69
C ASP C 81 10.84 -16.99 5.35
N GLU C 82 9.79 -17.81 5.46
CA GLU C 82 8.48 -17.46 4.91
C GLU C 82 7.86 -16.28 5.65
N GLU C 83 7.95 -16.27 6.98
CA GLU C 83 7.33 -15.21 7.77
C GLU C 83 8.05 -13.88 7.60
N LEU C 84 9.39 -13.92 7.60
CA LEU C 84 10.18 -12.70 7.39
C LEU C 84 9.99 -12.16 5.97
N ASN C 85 9.85 -13.07 4.99
CA ASN C 85 9.57 -12.66 3.62
C ASN C 85 8.21 -12.00 3.49
N LYS C 86 7.24 -12.41 4.30
CA LYS C 86 5.94 -11.75 4.31
C LYS C 86 6.04 -10.38 4.99
N LEU C 87 6.79 -10.31 6.09
CA LEU C 87 6.98 -9.04 6.80
C LEU C 87 7.67 -7.99 5.94
N LEU C 88 8.68 -8.38 5.17
CA LEU C 88 9.47 -7.45 4.37
C LEU C 88 9.22 -7.63 2.87
N GLY C 89 7.95 -7.88 2.51
CA GLY C 89 7.63 -8.22 1.13
C GLY C 89 7.77 -7.06 0.16
N ARG C 90 7.60 -5.84 0.66
CA ARG C 90 7.70 -4.64 -0.18
C ARG C 90 8.97 -3.85 0.09
N VAL C 91 10.05 -4.54 0.43
CA VAL C 91 11.30 -3.91 0.84
C VAL C 91 12.42 -4.34 -0.10
N THR C 92 13.20 -3.37 -0.58
CA THR C 92 14.38 -3.62 -1.39
C THR C 92 15.63 -3.49 -0.52
N ILE C 93 16.44 -4.55 -0.47
CA ILE C 93 17.71 -4.53 0.23
C ILE C 93 18.79 -4.15 -0.77
N ALA C 94 19.45 -3.00 -0.54
CA ALA C 94 20.50 -2.55 -1.44
C ALA C 94 21.70 -3.48 -1.39
N GLN C 95 22.22 -3.80 -2.59
CA GLN C 95 23.29 -4.79 -2.82
C GLN C 95 22.93 -6.17 -2.29
N GLY C 96 21.64 -6.52 -2.33
CA GLY C 96 21.19 -7.80 -1.81
C GLY C 96 21.11 -8.92 -2.84
N GLY C 97 20.94 -8.57 -4.11
CA GLY C 97 20.77 -9.60 -5.13
C GLY C 97 19.41 -10.30 -5.03
N VAL C 98 19.31 -11.45 -5.69
CA VAL C 98 18.08 -12.25 -5.70
C VAL C 98 18.44 -13.68 -5.31
N LEU C 99 17.39 -14.46 -5.04
CA LEU C 99 17.58 -15.88 -4.78
C LEU C 99 17.89 -16.61 -6.08
N PRO C 100 18.76 -17.63 -6.04
CA PRO C 100 18.92 -18.52 -7.20
C PRO C 100 17.64 -19.30 -7.48
N ASN C 101 17.11 -19.11 -8.69
CA ASN C 101 15.86 -19.77 -9.08
C ASN C 101 15.76 -19.77 -10.60
N ILE C 102 15.75 -20.96 -11.20
CA ILE C 102 15.56 -21.16 -12.62
C ILE C 102 14.33 -22.02 -12.81
N GLN C 103 13.40 -21.57 -13.66
CA GLN C 103 12.18 -22.32 -13.92
C GLN C 103 12.51 -23.64 -14.63
N ALA C 104 11.85 -24.71 -14.19
CA ALA C 104 12.25 -26.07 -14.55
C ALA C 104 12.07 -26.35 -16.05
N VAL C 105 11.15 -25.65 -16.70
CA VAL C 105 10.94 -25.84 -18.14
C VAL C 105 12.07 -25.25 -18.97
N LEU C 106 12.94 -24.42 -18.39
CA LEU C 106 14.07 -23.84 -19.11
C LEU C 106 15.32 -24.71 -19.05
N LEU C 107 15.34 -25.77 -18.24
CA LEU C 107 16.47 -26.66 -18.12
C LEU C 107 16.64 -27.51 -19.39
N PRO C 108 17.85 -27.98 -19.68
CA PRO C 108 18.02 -28.88 -20.84
C PRO C 108 17.32 -30.21 -20.61
N LYS C 109 16.84 -30.79 -21.70
CA LYS C 109 16.05 -32.02 -21.64
C LYS C 109 16.96 -33.24 -21.48
N ARG D 1 28.59 20.32 13.32
CA ARG D 1 27.54 19.38 12.95
C ARG D 1 26.94 18.71 14.18
N SER D 2 25.62 18.55 14.18
CA SER D 2 24.93 17.95 15.30
C SER D 2 25.18 16.44 15.36
N ARG D 3 25.02 15.88 16.56
CA ARG D 3 25.27 14.47 16.78
C ARG D 3 24.17 13.62 16.13
N LYS D 4 24.58 12.48 15.57
CA LYS D 4 23.67 11.56 14.91
C LYS D 4 23.44 10.33 15.77
N GLU D 5 22.19 9.94 15.95
CA GLU D 5 21.82 8.77 16.74
C GLU D 5 21.49 7.59 15.82
N SER D 6 21.74 6.39 16.33
CA SER D 6 21.42 5.16 15.61
C SER D 6 21.29 4.02 16.62
N TYR D 7 20.89 2.85 16.11
CA TYR D 7 20.73 1.65 16.92
C TYR D 7 21.92 0.70 16.83
N SER D 8 23.06 1.17 16.31
N SER D 8 23.07 1.15 16.31
CA SER D 8 24.18 0.28 15.97
CA SER D 8 24.15 0.24 15.97
C SER D 8 24.79 -0.38 17.21
C SER D 8 24.80 -0.39 17.21
N VAL D 9 24.88 0.35 18.32
N VAL D 9 24.88 0.35 18.32
CA VAL D 9 25.48 -0.22 19.52
CA VAL D 9 25.48 -0.22 19.52
C VAL D 9 24.60 -1.32 20.11
N TYR D 10 23.27 -1.21 19.93
CA TYR D 10 22.37 -2.23 20.45
C TYR D 10 22.27 -3.43 19.53
N VAL D 11 22.33 -3.21 18.21
CA VAL D 11 22.33 -4.31 17.24
C VAL D 11 23.56 -5.18 17.42
N TYR D 12 24.71 -4.56 17.70
CA TYR D 12 25.95 -5.29 17.93
C TYR D 12 25.89 -6.16 19.19
N LYS D 13 25.25 -5.65 20.26
CA LYS D 13 25.11 -6.45 21.48
C LYS D 13 24.20 -7.65 21.27
N VAL D 14 23.17 -7.50 20.45
CA VAL D 14 22.30 -8.64 20.14
C VAL D 14 23.04 -9.66 19.28
N LEU D 15 23.88 -9.18 18.35
CA LEU D 15 24.64 -10.07 17.48
C LEU D 15 25.63 -10.91 18.27
N LYS D 16 26.28 -10.32 19.28
CA LYS D 16 27.23 -11.05 20.12
C LYS D 16 26.54 -12.11 20.97
N GLN D 17 25.26 -11.92 21.28
CA GLN D 17 24.50 -12.93 22.01
C GLN D 17 24.23 -14.16 21.15
N VAL D 18 23.76 -13.95 19.92
CA VAL D 18 23.36 -15.07 19.07
C VAL D 18 24.51 -15.66 18.24
N HIS D 19 25.58 -14.90 18.02
CA HIS D 19 26.70 -15.36 17.20
C HIS D 19 27.97 -14.68 17.72
N PRO D 20 28.60 -15.27 18.75
CA PRO D 20 29.70 -14.56 19.44
C PRO D 20 30.96 -14.35 18.60
N ASP D 21 31.18 -15.15 17.57
CA ASP D 21 32.38 -15.02 16.72
C ASP D 21 32.05 -14.54 15.33
N THR D 22 31.02 -13.70 15.19
CA THR D 22 30.57 -13.20 13.89
C THR D 22 30.49 -11.69 13.93
N GLY D 23 31.09 -11.03 12.94
CA GLY D 23 31.00 -9.59 12.80
C GLY D 23 29.95 -9.16 11.79
N ILE D 24 29.96 -7.86 11.49
CA ILE D 24 29.00 -7.28 10.54
C ILE D 24 29.63 -6.07 9.88
N SER D 25 29.41 -5.94 8.56
CA SER D 25 29.97 -4.83 7.80
C SER D 25 29.16 -3.56 8.04
N SER D 26 29.76 -2.42 7.65
CA SER D 26 29.11 -1.13 7.88
C SER D 26 27.87 -0.97 7.00
N LYS D 27 27.89 -1.52 5.78
CA LYS D 27 26.72 -1.49 4.92
C LYS D 27 25.57 -2.32 5.49
N ALA D 28 25.89 -3.51 6.02
CA ALA D 28 24.86 -4.36 6.61
C ALA D 28 24.31 -3.75 7.90
N MET D 29 25.14 -3.05 8.66
CA MET D 29 24.67 -2.29 9.81
C MET D 29 23.70 -1.19 9.41
N GLY D 30 23.93 -0.57 8.24
CA GLY D 30 22.99 0.40 7.71
C GLY D 30 21.64 -0.21 7.37
N ILE D 31 21.63 -1.46 6.87
CA ILE D 31 20.38 -2.17 6.61
C ILE D 31 19.60 -2.38 7.90
N MET D 32 20.29 -2.86 8.95
CA MET D 32 19.63 -3.20 10.21
C MET D 32 19.06 -1.96 10.90
N ASN D 33 19.74 -0.82 10.76
N ASN D 33 19.74 -0.82 10.77
CA ASN D 33 19.25 0.45 11.29
CA ASN D 33 19.25 0.42 11.35
C ASN D 33 17.97 0.88 10.58
C ASN D 33 17.98 0.89 10.65
N SER D 34 17.93 0.73 9.25
N SER D 34 17.92 0.75 9.32
CA SER D 34 16.73 1.05 8.48
CA SER D 34 16.72 1.12 8.60
C SER D 34 15.58 0.12 8.84
C SER D 34 15.58 0.13 8.87
N PHE D 35 15.89 -1.15 9.10
N PHE D 35 15.89 -1.14 9.12
CA PHE D 35 14.85 -2.13 9.45
CA PHE D 35 14.86 -2.12 9.45
C PHE D 35 14.19 -1.81 10.79
N VAL D 36 14.99 -1.43 11.80
CA VAL D 36 14.46 -1.14 13.13
C VAL D 36 13.57 0.11 13.09
N ASN D 37 14.01 1.14 12.37
CA ASN D 37 13.22 2.37 12.22
C ASN D 37 11.93 2.11 11.46
N ASP D 38 11.97 1.23 10.46
CA ASP D 38 10.78 0.87 9.69
C ASP D 38 9.74 0.17 10.58
N ILE D 39 10.16 -0.80 11.37
CA ILE D 39 9.24 -1.57 12.20
C ILE D 39 8.69 -0.71 13.33
N PHE D 40 9.52 0.20 13.86
CA PHE D 40 9.10 1.15 14.89
C PHE D 40 7.91 2.00 14.43
N GLU D 41 8.01 2.60 13.23
CA GLU D 41 6.94 3.49 12.79
C GLU D 41 5.70 2.71 12.39
N ARG D 42 5.86 1.47 11.93
CA ARG D 42 4.72 0.61 11.62
C ARG D 42 3.92 0.32 12.89
N ILE D 43 4.60 -0.06 13.97
CA ILE D 43 3.91 -0.41 15.22
C ILE D 43 3.31 0.83 15.87
N ALA D 44 4.08 1.91 15.93
CA ALA D 44 3.63 3.13 16.59
C ALA D 44 2.48 3.80 15.82
N GLY D 45 2.49 3.68 14.49
CA GLY D 45 1.40 4.21 13.70
C GLY D 45 0.09 3.47 13.93
N GLU D 46 0.15 2.13 13.96
CA GLU D 46 -1.05 1.33 14.22
C GLU D 46 -1.55 1.52 15.65
N ALA D 47 -0.63 1.66 16.61
CA ALA D 47 -1.01 1.92 17.99
C ALA D 47 -1.68 3.29 18.14
N SER D 48 -1.21 4.27 17.36
CA SER D 48 -1.84 5.60 17.36
C SER D 48 -3.27 5.54 16.85
N ARG D 49 -3.50 4.79 15.76
CA ARG D 49 -4.84 4.69 15.19
C ARG D 49 -5.78 3.92 16.11
N LEU D 50 -5.25 2.92 16.82
CA LEU D 50 -6.05 2.12 17.75
C LEU D 50 -6.58 2.97 18.90
N ALA D 51 -5.72 3.83 19.46
CA ALA D 51 -6.15 4.75 20.52
C ALA D 51 -7.18 5.75 20.00
N HIS D 52 -7.00 6.22 18.76
CA HIS D 52 -7.95 7.15 18.16
C HIS D 52 -9.30 6.51 17.90
N TYR D 53 -9.32 5.24 17.50
CA TYR D 53 -10.58 4.54 17.23
C TYR D 53 -11.38 4.35 18.50
N ASN D 54 -10.71 4.13 19.63
CA ASN D 54 -11.36 3.83 20.90
C ASN D 54 -11.47 5.04 21.81
N LYS D 55 -11.18 6.24 21.29
CA LYS D 55 -11.29 7.52 22.00
C LYS D 55 -10.47 7.56 23.28
N ARG D 56 -9.23 7.10 23.18
CA ARG D 56 -8.27 7.14 24.26
C ARG D 56 -7.16 8.12 23.92
N SER D 57 -6.63 8.78 24.95
CA SER D 57 -5.54 9.73 24.77
C SER D 57 -4.17 9.16 25.15
N THR D 58 -4.10 7.88 25.54
CA THR D 58 -2.87 7.27 26.03
C THR D 58 -2.54 6.02 25.23
N ILE D 59 -1.30 5.91 24.77
CA ILE D 59 -0.80 4.67 24.21
C ILE D 59 -0.17 3.85 25.33
N THR D 60 -0.73 2.68 25.59
CA THR D 60 -0.28 1.78 26.66
C THR D 60 0.29 0.51 26.06
N SER D 61 0.64 -0.44 26.94
N SER D 61 0.64 -0.43 26.96
CA SER D 61 1.13 -1.73 26.47
CA SER D 61 1.11 -1.75 26.55
C SER D 61 0.06 -2.55 25.79
C SER D 61 0.05 -2.53 25.79
N ARG D 62 -1.23 -2.30 26.10
N ARG D 62 -1.24 -2.30 26.11
CA ARG D 62 -2.32 -2.98 25.42
CA ARG D 62 -2.32 -2.98 25.42
C ARG D 62 -2.39 -2.59 23.94
N GLU D 63 -2.16 -1.31 23.63
CA GLU D 63 -2.19 -0.87 22.24
C GLU D 63 -1.00 -1.41 21.46
N ILE D 64 0.17 -1.50 22.10
CA ILE D 64 1.35 -2.07 21.43
C ILE D 64 1.13 -3.55 21.11
N GLN D 65 0.54 -4.29 22.05
CA GLN D 65 0.30 -5.72 21.86
C GLN D 65 -0.70 -5.98 20.72
N THR D 66 -1.77 -5.19 20.65
CA THR D 66 -2.75 -5.35 19.57
C THR D 66 -2.12 -4.99 18.22
N ALA D 67 -1.31 -3.93 18.18
CA ALA D 67 -0.63 -3.53 16.95
C ALA D 67 0.34 -4.59 16.45
N VAL D 68 0.99 -5.30 17.38
CA VAL D 68 1.89 -6.39 17.03
C VAL D 68 1.11 -7.55 16.40
N ARG D 69 -0.06 -7.87 16.98
CA ARG D 69 -0.90 -8.93 16.45
C ARG D 69 -1.47 -8.60 15.07
N LEU D 70 -1.73 -7.32 14.80
CA LEU D 70 -2.20 -6.93 13.47
C LEU D 70 -1.09 -6.91 12.44
N LEU D 71 0.15 -6.63 12.83
CA LEU D 71 1.21 -6.37 11.88
C LEU D 71 2.09 -7.57 11.60
N LEU D 72 2.33 -8.44 12.57
CA LEU D 72 3.25 -9.56 12.37
C LEU D 72 2.50 -10.81 11.97
N PRO D 73 3.02 -11.58 11.01
CA PRO D 73 2.37 -12.83 10.63
C PRO D 73 2.65 -13.95 11.60
N GLY D 74 1.62 -14.80 11.78
CA GLY D 74 1.71 -16.13 12.38
C GLY D 74 2.54 -16.36 13.63
N GLU D 75 3.59 -17.17 13.49
CA GLU D 75 4.42 -17.55 14.63
C GLU D 75 5.31 -16.41 15.09
N LEU D 76 5.64 -15.46 14.20
CA LEU D 76 6.41 -14.28 14.63
C LEU D 76 5.62 -13.45 15.62
N ALA D 77 4.31 -13.30 15.39
CA ALA D 77 3.47 -12.52 16.30
C ALA D 77 3.34 -13.19 17.65
N LYS D 78 3.27 -14.53 17.68
CA LYS D 78 3.08 -15.25 18.93
C LYS D 78 4.30 -15.13 19.84
N HIS D 79 5.50 -15.29 19.27
CA HIS D 79 6.71 -15.20 20.08
C HIS D 79 7.01 -13.76 20.50
N ALA D 80 6.69 -12.79 19.63
CA ALA D 80 6.91 -11.38 19.96
C ALA D 80 6.02 -10.94 21.12
N VAL D 81 4.78 -11.43 21.16
CA VAL D 81 3.88 -11.14 22.27
C VAL D 81 4.42 -11.73 23.58
N SER D 82 4.98 -12.94 23.51
CA SER D 82 5.58 -13.56 24.69
C SER D 82 6.80 -12.79 25.19
N GLU D 83 7.63 -12.29 24.27
CA GLU D 83 8.80 -11.51 24.66
C GLU D 83 8.40 -10.18 25.29
N GLY D 84 7.39 -9.51 24.72
CA GLY D 84 6.93 -8.25 25.27
C GLY D 84 6.26 -8.39 26.63
N THR D 85 5.44 -9.43 26.79
CA THR D 85 4.76 -9.67 28.06
C THR D 85 5.76 -10.00 29.18
N LYS D 86 6.77 -10.82 28.86
CA LYS D 86 7.79 -11.19 29.84
C LYS D 86 8.61 -9.98 30.28
N ALA D 87 8.94 -9.08 29.35
CA ALA D 87 9.74 -7.90 29.69
C ALA D 87 8.96 -6.91 30.55
N VAL D 88 7.66 -6.76 30.28
CA VAL D 88 6.83 -5.87 31.09
C VAL D 88 6.65 -6.44 32.50
N THR D 89 6.48 -7.76 32.61
CA THR D 89 6.34 -8.41 33.91
C THR D 89 7.59 -8.25 34.77
N LYS D 90 8.77 -8.44 34.16
CA LYS D 90 10.02 -8.29 34.91
C LYS D 90 10.30 -6.82 35.24
N TYR D 91 9.88 -5.90 34.37
CA TYR D 91 10.00 -4.47 34.67
C TYR D 91 9.09 -4.07 35.83
N THR D 92 7.89 -4.65 35.90
CA THR D 92 6.94 -4.33 36.96
C THR D 92 7.44 -4.83 38.31
N SER D 93 7.97 -6.06 38.35
CA SER D 93 8.44 -6.66 39.59
C SER D 93 9.66 -5.95 40.19
N ALA D 94 10.44 -5.25 39.37
CA ALA D 94 11.59 -4.51 39.85
C ALA D 94 12.56 -4.23 38.71
N PRO E 1 36.15 -25.72 -34.95
CA PRO E 1 36.07 -24.79 -33.83
C PRO E 1 34.93 -25.15 -32.86
N HIS E 2 35.18 -24.98 -31.57
CA HIS E 2 34.17 -25.32 -30.57
C HIS E 2 33.05 -24.29 -30.56
N ARG E 3 31.81 -24.77 -30.44
CA ARG E 3 30.64 -23.91 -30.37
C ARG E 3 29.64 -24.51 -29.40
N TYR E 4 29.17 -23.70 -28.46
CA TYR E 4 28.11 -24.12 -27.54
C TYR E 4 26.76 -24.01 -28.24
N ARG E 5 25.86 -24.92 -27.89
CA ARG E 5 24.51 -24.93 -28.44
C ARG E 5 23.73 -23.72 -27.91
N PRO E 6 22.75 -23.21 -28.69
CA PRO E 6 21.99 -22.04 -28.22
C PRO E 6 21.16 -22.36 -26.99
N GLY E 7 21.31 -21.50 -25.97
CA GLY E 7 20.73 -21.72 -24.67
C GLY E 7 21.71 -22.17 -23.60
N THR E 8 22.84 -22.77 -23.99
CA THR E 8 23.81 -23.22 -23.01
C THR E 8 24.51 -22.03 -22.34
N VAL E 9 24.94 -21.04 -23.12
CA VAL E 9 25.58 -19.86 -22.55
C VAL E 9 24.57 -19.01 -21.78
N ALA E 10 23.32 -18.96 -22.26
CA ALA E 10 22.27 -18.20 -21.58
C ALA E 10 21.98 -18.77 -20.18
N LEU E 11 21.95 -20.10 -20.05
CA LEU E 11 21.78 -20.72 -18.74
C LEU E 11 23.00 -20.48 -17.84
N ARG E 12 24.19 -20.46 -18.44
CA ARG E 12 25.40 -20.10 -17.70
C ARG E 12 25.32 -18.67 -17.18
N GLU E 13 24.80 -17.75 -18.00
CA GLU E 13 24.71 -16.35 -17.61
C GLU E 13 23.68 -16.14 -16.50
N ILE E 14 22.59 -16.92 -16.51
CA ILE E 14 21.60 -16.86 -15.43
C ILE E 14 22.24 -17.27 -14.12
N ARG E 15 23.07 -18.32 -14.15
CA ARG E 15 23.79 -18.74 -12.96
C ARG E 15 24.90 -17.77 -12.59
N ARG E 16 25.37 -16.97 -13.53
CA ARG E 16 26.38 -15.97 -13.17
C ARG E 16 25.73 -14.81 -12.41
N TYR E 17 24.65 -14.26 -12.96
CA TYR E 17 24.10 -13.02 -12.46
C TYR E 17 23.15 -13.20 -11.28
N GLN E 18 22.66 -14.41 -11.02
CA GLN E 18 21.82 -14.63 -9.85
C GLN E 18 22.62 -14.84 -8.56
N LYS E 19 23.89 -15.30 -8.63
CA LYS E 19 24.70 -15.35 -7.42
C LYS E 19 25.40 -14.05 -7.08
N SER E 20 25.40 -13.06 -7.98
CA SER E 20 26.15 -11.84 -7.74
C SER E 20 25.21 -10.67 -7.45
N THR E 21 25.77 -9.60 -6.88
CA THR E 21 24.98 -8.46 -6.43
C THR E 21 25.36 -7.11 -7.03
N GLU E 22 26.32 -7.04 -7.94
CA GLU E 22 26.73 -5.75 -8.49
C GLU E 22 25.64 -5.18 -9.41
N LEU E 23 25.69 -3.86 -9.61
CA LEU E 23 24.78 -3.21 -10.52
C LEU E 23 25.13 -3.57 -11.96
N LEU E 24 24.09 -3.69 -12.79
CA LEU E 24 24.25 -4.20 -14.14
C LEU E 24 24.16 -3.12 -15.23
N ILE E 25 23.78 -1.90 -14.88
CA ILE E 25 23.76 -0.76 -15.80
C ILE E 25 25.00 0.08 -15.52
N ARG E 26 25.67 0.55 -16.57
CA ARG E 26 26.83 1.43 -16.42
C ARG E 26 26.45 2.74 -15.73
N LYS E 27 27.34 3.21 -14.85
CA LYS E 27 26.97 4.26 -13.90
C LYS E 27 26.83 5.62 -14.58
N LEU E 28 27.79 5.99 -15.44
CA LEU E 28 27.74 7.29 -16.10
C LEU E 28 26.55 7.49 -17.04
N PRO E 29 26.16 6.56 -17.94
CA PRO E 29 24.93 6.83 -18.73
C PRO E 29 23.65 6.82 -17.91
N PHE E 30 23.60 6.10 -16.78
CA PHE E 30 22.44 6.20 -15.91
C PHE E 30 22.33 7.59 -15.29
N GLN E 31 23.46 8.17 -14.88
CA GLN E 31 23.48 9.49 -14.27
C GLN E 31 23.03 10.56 -15.26
N ARG E 32 23.43 10.43 -16.53
CA ARG E 32 22.97 11.35 -17.57
C ARG E 32 21.47 11.24 -17.80
N LEU E 33 20.93 10.01 -17.70
CA LEU E 33 19.48 9.82 -17.86
C LEU E 33 18.70 10.48 -16.74
N VAL E 34 19.18 10.34 -15.49
CA VAL E 34 18.50 10.94 -14.34
C VAL E 34 18.49 12.47 -14.45
N ARG E 35 19.62 13.05 -14.84
CA ARG E 35 19.72 14.51 -14.96
C ARG E 35 18.86 15.04 -16.11
N GLU E 36 18.72 14.27 -17.19
CA GLU E 36 17.85 14.63 -18.30
C GLU E 36 16.39 14.68 -17.89
N ILE E 37 15.95 13.67 -17.15
CA ILE E 37 14.56 13.58 -16.71
C ILE E 37 14.23 14.69 -15.72
N ALA E 38 15.19 15.01 -14.84
CA ALA E 38 14.96 16.02 -13.81
C ALA E 38 14.90 17.44 -14.36
N GLN E 39 15.38 17.67 -15.59
CA GLN E 39 15.34 19.01 -16.19
C GLN E 39 13.92 19.49 -16.45
N ASP E 40 12.99 18.56 -16.68
CA ASP E 40 11.59 18.93 -16.93
C ASP E 40 10.84 19.34 -15.68
N PHE E 41 11.40 19.12 -14.49
CA PHE E 41 10.74 19.50 -13.24
C PHE E 41 11.35 20.74 -12.61
N LYS E 42 12.67 20.90 -12.65
CA LYS E 42 13.32 22.08 -12.12
C LYS E 42 14.68 22.23 -12.80
N THR E 43 14.95 23.44 -13.30
CA THR E 43 16.22 23.71 -13.94
C THR E 43 17.32 23.90 -12.89
N ASP E 44 18.56 23.63 -13.32
CA ASP E 44 19.80 23.83 -12.55
C ASP E 44 19.81 23.05 -11.24
N LEU E 45 19.24 21.84 -11.25
CA LEU E 45 19.28 21.00 -10.07
C LEU E 45 20.65 20.36 -9.89
N ARG E 46 21.03 20.16 -8.64
N ARG E 46 21.02 20.16 -8.64
CA ARG E 46 22.21 19.37 -8.29
CA ARG E 46 22.20 19.37 -8.28
C ARG E 46 21.75 18.06 -7.66
C ARG E 46 21.75 18.06 -7.64
N PHE E 47 22.66 17.08 -7.66
N PHE E 47 22.65 17.08 -7.66
CA PHE E 47 22.39 15.76 -7.11
CA PHE E 47 22.38 15.76 -7.11
C PHE E 47 23.52 15.33 -6.19
N GLN E 48 23.17 14.84 -5.02
CA GLN E 48 24.16 14.12 -4.21
C GLN E 48 24.51 12.81 -4.92
N SER E 49 25.75 12.36 -4.73
CA SER E 49 26.19 11.12 -5.37
C SER E 49 25.41 9.91 -4.87
N SER E 50 25.07 9.89 -3.57
CA SER E 50 24.29 8.79 -3.03
C SER E 50 22.82 8.84 -3.47
N ALA E 51 22.33 10.00 -3.90
CA ALA E 51 20.96 10.07 -4.41
C ALA E 51 20.83 9.38 -5.76
N VAL E 52 21.82 9.54 -6.64
CA VAL E 52 21.82 8.87 -7.93
C VAL E 52 21.98 7.36 -7.73
N MET E 53 22.82 6.96 -6.76
CA MET E 53 23.04 5.53 -6.49
C MET E 53 21.79 4.86 -5.93
N ALA E 54 21.05 5.58 -5.08
CA ALA E 54 19.78 5.06 -4.56
C ALA E 54 18.75 4.91 -5.67
N LEU E 55 18.75 5.84 -6.62
CA LEU E 55 17.86 5.74 -7.78
C LEU E 55 18.21 4.53 -8.63
N GLN E 56 19.52 4.25 -8.81
CA GLN E 56 19.93 3.11 -9.64
C GLN E 56 19.62 1.78 -8.96
N GLU E 57 19.81 1.70 -7.64
CA GLU E 57 19.50 0.46 -6.92
C GLU E 57 18.01 0.16 -6.96
N ALA E 58 17.17 1.21 -6.85
CA ALA E 58 15.73 1.03 -6.95
C ALA E 58 15.29 0.64 -8.35
N CYS E 59 15.92 1.22 -9.38
CA CYS E 59 15.51 0.96 -10.76
C CYS E 59 15.88 -0.43 -11.21
N GLU E 60 17.10 -0.89 -10.89
CA GLU E 60 17.51 -2.24 -11.24
C GLU E 60 16.66 -3.28 -10.51
N ALA E 61 16.30 -3.02 -9.25
CA ALA E 61 15.45 -3.94 -8.50
C ALA E 61 14.05 -4.01 -9.09
N TYR E 62 13.51 -2.88 -9.57
CA TYR E 62 12.20 -2.87 -10.20
C TYR E 62 12.20 -3.64 -11.52
N LEU E 63 13.26 -3.48 -12.33
CA LEU E 63 13.32 -4.12 -13.63
C LEU E 63 13.54 -5.64 -13.50
N VAL E 64 14.40 -6.05 -12.55
CA VAL E 64 14.59 -7.48 -12.29
C VAL E 64 13.30 -8.11 -11.80
N GLY E 65 12.57 -7.40 -10.93
CA GLY E 65 11.28 -7.88 -10.47
C GLY E 65 10.25 -8.01 -11.58
N LEU E 66 10.28 -7.09 -12.54
CA LEU E 66 9.35 -7.15 -13.66
C LEU E 66 9.68 -8.30 -14.61
N PHE E 67 10.98 -8.58 -14.79
CA PHE E 67 11.37 -9.64 -15.72
C PHE E 67 11.00 -11.04 -15.20
N GLU E 68 10.99 -11.27 -13.88
CA GLU E 68 10.53 -12.57 -13.41
C GLU E 68 9.03 -12.75 -13.60
N ASP E 69 8.23 -11.69 -13.42
CA ASP E 69 6.81 -11.76 -13.71
C ASP E 69 6.55 -11.93 -15.21
N THR E 70 7.34 -11.25 -16.03
CA THR E 70 7.27 -11.39 -17.48
C THR E 70 7.58 -12.82 -17.92
N ASN E 71 8.56 -13.45 -17.28
CA ASN E 71 8.95 -14.82 -17.63
C ASN E 71 7.84 -15.82 -17.31
N LEU E 72 7.09 -15.60 -16.22
CA LEU E 72 5.98 -16.47 -15.89
C LEU E 72 4.85 -16.36 -16.91
N CYS E 73 4.65 -15.16 -17.46
CA CYS E 73 3.62 -14.97 -18.48
C CYS E 73 3.96 -15.71 -19.78
N ALA E 74 5.24 -15.69 -20.17
CA ALA E 74 5.67 -16.39 -21.39
C ALA E 74 5.53 -17.90 -21.25
N ILE E 75 5.92 -18.45 -20.09
CA ILE E 75 5.80 -19.89 -19.84
C ILE E 75 4.33 -20.32 -19.81
N HIS E 76 3.47 -19.43 -19.30
CA HIS E 76 2.03 -19.70 -19.30
C HIS E 76 1.47 -19.84 -20.72
N ALA E 77 2.04 -19.12 -21.67
CA ALA E 77 1.66 -19.25 -23.08
C ALA E 77 2.43 -20.35 -23.80
N LYS E 78 3.09 -21.26 -23.05
CA LYS E 78 3.92 -22.35 -23.58
C LYS E 78 5.06 -21.84 -24.48
N ARG E 79 5.68 -20.74 -24.05
CA ARG E 79 6.84 -20.17 -24.73
C ARG E 79 8.01 -20.11 -23.76
N VAL E 80 9.22 -20.07 -24.31
CA VAL E 80 10.42 -19.77 -23.55
C VAL E 80 11.01 -18.41 -23.89
N THR E 81 10.40 -17.68 -24.82
CA THR E 81 10.86 -16.36 -25.25
C THR E 81 9.94 -15.28 -24.72
N ILE E 82 10.50 -14.29 -24.03
CA ILE E 82 9.68 -13.16 -23.56
C ILE E 82 9.47 -12.17 -24.70
N MET E 83 8.27 -11.62 -24.76
CA MET E 83 7.77 -10.76 -25.83
C MET E 83 7.14 -9.54 -25.19
N PRO E 84 6.95 -8.43 -25.95
CA PRO E 84 6.33 -7.22 -25.36
C PRO E 84 4.93 -7.43 -24.79
N LYS E 85 4.14 -8.37 -25.33
CA LYS E 85 2.83 -8.64 -24.76
C LYS E 85 2.93 -9.33 -23.39
N ASP E 86 4.05 -10.00 -23.10
CA ASP E 86 4.24 -10.56 -21.77
C ASP E 86 4.48 -9.45 -20.74
N ILE E 87 5.26 -8.43 -21.10
CA ILE E 87 5.52 -7.28 -20.22
C ILE E 87 4.21 -6.52 -19.95
N GLN E 88 3.41 -6.33 -21.00
CA GLN E 88 2.16 -5.57 -20.88
C GLN E 88 1.13 -6.31 -20.03
N LEU E 89 1.09 -7.65 -20.11
CA LEU E 89 0.19 -8.42 -19.26
C LEU E 89 0.60 -8.32 -17.79
N ALA E 90 1.90 -8.43 -17.50
CA ALA E 90 2.39 -8.36 -16.13
C ALA E 90 2.11 -7.00 -15.50
N ARG E 91 2.30 -5.92 -16.26
CA ARG E 91 2.06 -4.58 -15.71
C ARG E 91 0.58 -4.30 -15.52
N ARG E 92 -0.28 -4.90 -16.36
CA ARG E 92 -1.73 -4.75 -16.20
C ARG E 92 -2.20 -5.43 -14.92
N ILE E 93 -1.73 -6.66 -14.67
CA ILE E 93 -2.16 -7.40 -13.48
C ILE E 93 -1.62 -6.75 -12.21
N ARG E 94 -0.38 -6.22 -12.27
CA ARG E 94 0.19 -5.49 -11.15
C ARG E 94 -0.55 -4.19 -10.85
N GLY E 95 -1.27 -3.63 -11.82
CA GLY E 95 -1.95 -2.38 -11.65
C GLY E 95 -1.17 -1.14 -12.07
N GLU E 96 -0.03 -1.30 -12.73
CA GLU E 96 0.74 -0.17 -13.22
C GLU E 96 0.10 0.44 -14.46
N VAL F 1 21.95 21.33 -22.13
CA VAL F 1 20.68 20.65 -22.34
C VAL F 1 20.92 19.25 -22.89
N LEU F 2 20.76 18.25 -22.03
CA LEU F 2 21.00 16.86 -22.40
C LEU F 2 19.85 16.32 -23.24
N ARG F 3 20.18 15.36 -24.11
CA ARG F 3 19.19 14.78 -25.00
C ARG F 3 19.60 13.35 -25.36
N ASP F 4 18.58 12.50 -25.57
CA ASP F 4 18.69 11.13 -26.09
C ASP F 4 19.58 10.24 -25.21
N ASN F 5 19.46 10.37 -23.90
CA ASN F 5 20.27 9.56 -23.01
C ASN F 5 19.64 8.20 -22.70
N ILE F 6 18.41 7.96 -23.15
CA ILE F 6 17.76 6.67 -22.91
C ILE F 6 18.44 5.54 -23.69
N GLN F 7 19.11 5.87 -24.80
CA GLN F 7 19.85 4.87 -25.55
C GLN F 7 21.15 4.46 -24.87
N GLY F 8 21.57 5.16 -23.82
CA GLY F 8 22.67 4.70 -22.98
C GLY F 8 22.35 3.46 -22.17
N ILE F 9 21.07 3.14 -22.01
CA ILE F 9 20.64 1.87 -21.46
C ILE F 9 20.71 0.84 -22.57
N THR F 10 21.86 0.19 -22.72
CA THR F 10 22.17 -0.59 -23.90
C THR F 10 21.45 -1.93 -23.89
N LYS F 11 21.43 -2.57 -25.06
CA LYS F 11 20.94 -3.94 -25.19
C LYS F 11 21.70 -4.95 -24.31
N PRO F 12 23.05 -4.97 -24.21
CA PRO F 12 23.67 -5.90 -23.23
C PRO F 12 23.31 -5.63 -21.78
N ALA F 13 23.06 -4.37 -21.40
CA ALA F 13 22.66 -4.06 -20.04
C ALA F 13 21.27 -4.62 -19.72
N ILE F 14 20.32 -4.48 -20.66
CA ILE F 14 18.97 -5.00 -20.47
C ILE F 14 18.99 -6.52 -20.39
N ARG F 15 19.84 -7.15 -21.21
N ARG F 15 19.84 -7.15 -21.21
CA ARG F 15 19.95 -8.61 -21.19
CA ARG F 15 19.97 -8.61 -21.20
C ARG F 15 20.48 -9.12 -19.85
N ARG F 16 21.46 -8.43 -19.26
CA ARG F 16 21.98 -8.81 -17.94
C ARG F 16 20.89 -8.72 -16.87
N LEU F 17 20.05 -7.69 -16.93
CA LEU F 17 18.94 -7.56 -16.00
C LEU F 17 17.93 -8.70 -16.17
N ALA F 18 17.68 -9.10 -17.42
CA ALA F 18 16.78 -10.22 -17.68
C ALA F 18 17.36 -11.54 -17.20
N ARG F 19 18.69 -11.70 -17.30
CA ARG F 19 19.35 -12.92 -16.82
C ARG F 19 19.24 -13.05 -15.30
N ARG F 20 19.39 -11.93 -14.57
CA ARG F 20 19.20 -11.97 -13.12
C ARG F 20 17.75 -12.29 -12.78
N GLY F 21 16.81 -11.90 -13.65
CA GLY F 21 15.43 -12.28 -13.55
C GLY F 21 15.10 -13.70 -14.00
N GLY F 22 16.08 -14.47 -14.45
CA GLY F 22 15.85 -15.86 -14.84
C GLY F 22 15.38 -16.09 -16.25
N VAL F 23 15.56 -15.13 -17.16
CA VAL F 23 15.02 -15.22 -18.51
C VAL F 23 16.06 -15.87 -19.42
N LYS F 24 15.62 -16.88 -20.19
CA LYS F 24 16.51 -17.63 -21.08
C LYS F 24 16.58 -17.09 -22.51
N ARG F 25 15.47 -16.59 -23.06
CA ARG F 25 15.42 -16.18 -24.47
C ARG F 25 14.61 -14.91 -24.61
N ILE F 26 15.11 -13.96 -25.42
CA ILE F 26 14.61 -12.59 -25.46
C ILE F 26 14.32 -12.18 -26.90
N SER F 27 13.09 -11.73 -27.15
N SER F 27 13.09 -11.73 -27.15
CA SER F 27 12.75 -11.24 -28.49
CA SER F 27 12.72 -11.21 -28.45
C SER F 27 13.36 -9.86 -28.72
C SER F 27 13.38 -9.85 -28.71
N GLY F 28 13.56 -9.53 -30.01
N GLY F 28 13.57 -9.53 -29.99
CA GLY F 28 14.27 -8.31 -30.37
CA GLY F 28 14.27 -8.31 -30.37
C GLY F 28 13.53 -7.03 -30.04
N LEU F 29 12.20 -7.12 -29.87
CA LEU F 29 11.39 -5.95 -29.54
C LEU F 29 11.34 -5.64 -28.04
N ILE F 30 11.98 -6.47 -27.20
CA ILE F 30 11.96 -6.25 -25.76
C ILE F 30 12.69 -4.96 -25.37
N TYR F 31 13.77 -4.64 -26.09
CA TYR F 31 14.69 -3.58 -25.67
C TYR F 31 14.05 -2.19 -25.73
N GLU F 32 13.24 -1.91 -26.75
CA GLU F 32 12.55 -0.62 -26.79
C GLU F 32 11.43 -0.55 -25.76
N GLU F 33 10.79 -1.69 -25.49
CA GLU F 33 9.70 -1.74 -24.51
C GLU F 33 10.23 -1.50 -23.10
N THR F 34 11.41 -2.06 -22.77
CA THR F 34 12.00 -1.90 -21.45
C THR F 34 12.42 -0.45 -21.20
N ARG F 35 12.96 0.22 -22.23
CA ARG F 35 13.37 1.63 -22.11
C ARG F 35 12.17 2.53 -21.82
N GLY F 36 11.01 2.23 -22.41
CA GLY F 36 9.81 2.98 -22.11
C GLY F 36 9.33 2.78 -20.68
N VAL F 37 9.36 1.54 -20.19
CA VAL F 37 8.93 1.22 -18.82
C VAL F 37 9.85 1.87 -17.80
N LEU F 38 11.18 1.84 -18.05
CA LEU F 38 12.14 2.46 -17.14
C LEU F 38 11.95 3.97 -17.07
N LYS F 39 11.69 4.61 -18.23
CA LYS F 39 11.48 6.05 -18.28
C LYS F 39 10.24 6.45 -17.47
N VAL F 40 9.17 5.65 -17.55
CA VAL F 40 7.96 5.92 -16.78
C VAL F 40 8.22 5.80 -15.27
N PHE F 41 8.95 4.75 -14.87
CA PHE F 41 9.30 4.55 -13.46
C PHE F 41 10.16 5.68 -12.93
N LEU F 42 11.16 6.11 -13.71
CA LEU F 42 12.07 7.15 -13.26
C LEU F 42 11.40 8.51 -13.17
N GLU F 43 10.51 8.84 -14.12
CA GLU F 43 9.79 10.11 -14.08
C GLU F 43 8.90 10.22 -12.85
N ASN F 44 8.30 9.11 -12.43
CA ASN F 44 7.41 9.14 -11.27
C ASN F 44 8.17 9.33 -9.96
N VAL F 45 9.32 8.65 -9.80
CA VAL F 45 10.11 8.77 -8.57
C VAL F 45 10.77 10.15 -8.49
N ILE F 46 11.35 10.62 -9.58
CA ILE F 46 12.10 11.87 -9.58
C ILE F 46 11.18 13.08 -9.36
N ARG F 47 9.95 13.01 -9.89
CA ARG F 47 8.97 14.09 -9.70
C ARG F 47 8.65 14.28 -8.22
N ASP F 48 8.47 13.20 -7.48
CA ASP F 48 8.18 13.30 -6.05
C ASP F 48 9.43 13.70 -5.27
N ALA F 49 10.61 13.23 -5.70
CA ALA F 49 11.86 13.58 -4.99
C ALA F 49 12.18 15.06 -5.13
N VAL F 50 11.97 15.64 -6.31
CA VAL F 50 12.15 17.08 -6.52
C VAL F 50 11.12 17.87 -5.72
N THR F 51 9.90 17.34 -5.57
CA THR F 51 8.87 17.99 -4.76
C THR F 51 9.29 18.10 -3.29
N TYR F 52 9.89 17.03 -2.74
CA TYR F 52 10.46 17.11 -1.39
C TYR F 52 11.62 18.11 -1.33
N THR F 53 12.44 18.17 -2.38
CA THR F 53 13.57 19.08 -2.42
C THR F 53 13.11 20.54 -2.46
N GLU F 54 12.10 20.85 -3.27
CA GLU F 54 11.60 22.22 -3.37
C GLU F 54 10.90 22.67 -2.10
N HIS F 55 10.24 21.76 -1.39
CA HIS F 55 9.59 22.12 -0.14
C HIS F 55 10.59 22.51 0.94
N ALA F 56 11.77 21.87 0.93
CA ALA F 56 12.83 22.18 1.88
C ALA F 56 13.62 23.43 1.50
N LYS F 57 13.25 24.12 0.42
CA LYS F 57 13.98 25.26 -0.15
C LYS F 57 15.44 24.93 -0.45
N ARG F 58 15.70 23.72 -0.95
CA ARG F 58 17.04 23.32 -1.35
C ARG F 58 17.15 23.31 -2.87
N LYS F 59 18.39 23.29 -3.34
CA LYS F 59 18.68 23.14 -4.76
C LYS F 59 19.38 21.83 -5.08
N THR F 60 19.59 20.97 -4.09
CA THR F 60 20.29 19.71 -4.26
C THR F 60 19.37 18.56 -3.83
N VAL F 61 19.17 17.60 -4.72
CA VAL F 61 18.41 16.40 -4.40
C VAL F 61 19.30 15.51 -3.53
N THR F 62 18.81 15.17 -2.33
CA THR F 62 19.54 14.30 -1.43
C THR F 62 19.05 12.87 -1.53
N ALA F 63 19.82 11.95 -0.92
CA ALA F 63 19.44 10.56 -0.87
C ALA F 63 18.16 10.36 -0.05
N MET F 64 17.97 11.20 0.97
CA MET F 64 16.77 11.10 1.80
C MET F 64 15.52 11.51 1.02
N ASP F 65 15.66 12.47 0.09
CA ASP F 65 14.55 12.84 -0.78
C ASP F 65 14.12 11.66 -1.66
N VAL F 66 15.08 10.90 -2.17
CA VAL F 66 14.78 9.73 -2.98
C VAL F 66 14.13 8.63 -2.14
N VAL F 67 14.65 8.43 -0.91
CA VAL F 67 14.13 7.38 -0.02
C VAL F 67 12.68 7.66 0.37
N TYR F 68 12.36 8.93 0.68
CA TYR F 68 10.99 9.31 0.98
C TYR F 68 10.07 9.13 -0.23
N ALA F 69 10.56 9.48 -1.43
CA ALA F 69 9.76 9.34 -2.64
C ALA F 69 9.45 7.88 -2.95
N LEU F 70 10.44 6.98 -2.77
CA LEU F 70 10.22 5.57 -2.99
C LEU F 70 9.25 4.98 -1.96
N LYS F 71 9.35 5.42 -0.71
CA LYS F 71 8.51 4.89 0.37
C LYS F 71 7.03 5.20 0.14
N ARG F 72 6.73 6.44 -0.28
CA ARG F 72 5.35 6.82 -0.52
C ARG F 72 4.76 6.16 -1.76
N GLN F 73 5.59 5.64 -2.66
CA GLN F 73 5.13 4.87 -3.80
C GLN F 73 5.05 3.38 -3.50
N GLY F 74 5.21 2.99 -2.24
CA GLY F 74 5.10 1.60 -1.86
C GLY F 74 6.29 0.73 -2.19
N ARG F 75 7.47 1.32 -2.43
CA ARG F 75 8.68 0.56 -2.73
C ARG F 75 9.78 1.01 -1.75
N THR F 76 9.76 0.45 -0.55
CA THR F 76 10.69 0.86 0.50
C THR F 76 12.11 0.37 0.21
N LEU F 77 13.09 1.25 0.36
CA LEU F 77 14.49 0.95 0.08
C LEU F 77 15.30 1.02 1.38
N TYR F 78 15.97 -0.07 1.73
CA TYR F 78 16.90 -0.10 2.85
C TYR F 78 18.32 0.09 2.34
N GLY F 79 19.12 0.85 3.09
CA GLY F 79 20.54 1.00 2.78
C GLY F 79 21.01 2.40 2.50
N PHE F 80 20.15 3.41 2.50
CA PHE F 80 20.57 4.78 2.23
C PHE F 80 20.05 5.75 3.29
N GLY F 81 19.69 5.23 4.47
CA GLY F 81 19.23 6.06 5.55
C GLY F 81 17.75 6.01 5.88
N GLY F 82 17.00 5.11 5.27
CA GLY F 82 15.57 5.01 5.55
C GLY F 82 14.82 3.85 4.91
N ALA G 1 -20.82 45.15 22.38
CA ALA G 1 -19.64 45.98 22.14
C ALA G 1 -18.75 45.39 21.05
N ARG G 2 -18.74 44.07 20.94
CA ARG G 2 -17.92 43.38 19.94
C ARG G 2 -18.66 43.28 18.62
N ALA G 3 -17.88 43.13 17.54
CA ALA G 3 -18.46 43.00 16.21
C ALA G 3 -19.21 41.68 16.07
N LYS G 4 -20.21 41.68 15.20
CA LYS G 4 -20.97 40.46 14.93
C LYS G 4 -20.10 39.45 14.21
N ALA G 5 -20.20 38.19 14.64
CA ALA G 5 -19.35 37.12 14.13
C ALA G 5 -19.66 36.83 12.66
N LYS G 6 -18.61 36.57 11.90
CA LYS G 6 -18.74 36.21 10.49
C LYS G 6 -17.80 35.05 10.26
N SER G 7 -18.29 33.99 9.61
CA SER G 7 -17.60 32.71 9.61
C SER G 7 -16.32 32.77 8.77
N ARG G 8 -15.36 31.92 9.13
CA ARG G 8 -14.11 31.81 8.38
C ARG G 8 -14.35 31.25 6.98
N SER G 9 -15.37 30.40 6.83
N SER G 9 -15.37 30.40 6.81
CA SER G 9 -15.73 29.87 5.51
CA SER G 9 -15.68 29.88 5.48
C SER G 9 -16.21 30.97 4.59
C SER G 9 -16.21 30.97 4.56
N SER G 10 -17.05 31.88 5.11
N SER G 10 -17.04 31.88 5.10
CA SER G 10 -17.54 32.99 4.29
CA SER G 10 -17.54 32.99 4.29
C SER G 10 -16.43 34.00 4.00
N ARG G 11 -15.46 34.13 4.91
CA ARG G 11 -14.30 34.98 4.66
C ARG G 11 -13.47 34.44 3.50
N ALA G 12 -13.35 33.12 3.39
CA ALA G 12 -12.58 32.49 2.33
C ALA G 12 -13.41 32.20 1.07
N GLY G 13 -14.70 32.51 1.10
CA GLY G 13 -15.59 32.22 -0.03
C GLY G 13 -15.81 30.74 -0.29
N LEU G 14 -15.98 29.95 0.76
CA LEU G 14 -16.10 28.50 0.64
C LEU G 14 -17.42 28.01 1.22
N GLN G 15 -17.85 26.84 0.77
CA GLN G 15 -19.02 26.17 1.34
C GLN G 15 -18.63 25.18 2.43
N PHE G 16 -17.43 24.59 2.37
CA PHE G 16 -16.96 23.64 3.36
C PHE G 16 -16.51 24.37 4.64
N PRO G 17 -16.65 23.73 5.84
CA PRO G 17 -16.45 24.45 7.10
C PRO G 17 -14.98 24.58 7.50
N VAL G 18 -14.49 25.82 7.52
CA VAL G 18 -13.10 26.06 7.87
C VAL G 18 -12.86 25.81 9.36
N GLY G 19 -13.78 26.25 10.22
CA GLY G 19 -13.61 26.09 11.66
C GLY G 19 -13.62 24.64 12.10
N ARG G 20 -14.48 23.82 11.50
CA ARG G 20 -14.51 22.40 11.82
C ARG G 20 -13.23 21.69 11.37
N VAL G 21 -12.74 22.03 10.17
CA VAL G 21 -11.51 21.43 9.64
C VAL G 21 -10.31 21.78 10.52
N HIS G 22 -10.28 23.01 11.04
CA HIS G 22 -9.22 23.43 11.95
C HIS G 22 -9.23 22.62 13.24
N ARG G 23 -10.43 22.35 13.77
CA ARG G 23 -10.56 21.51 14.96
C ARG G 23 -10.09 20.08 14.71
N LEU G 24 -10.45 19.51 13.54
CA LEU G 24 -10.05 18.14 13.22
C LEU G 24 -8.55 18.04 12.99
N LEU G 25 -7.92 19.12 12.52
CA LEU G 25 -6.46 19.11 12.36
C LEU G 25 -5.77 19.14 13.73
N ARG G 26 -6.30 19.90 14.69
CA ARG G 26 -5.66 19.99 16.00
C ARG G 26 -5.77 18.68 16.79
N LYS G 27 -6.93 18.03 16.74
CA LYS G 27 -7.16 16.86 17.57
C LYS G 27 -6.71 15.56 16.90
N GLY G 28 -6.21 15.62 15.68
CA GLY G 28 -5.76 14.42 14.98
C GLY G 28 -4.33 14.03 15.23
N ASN G 29 -3.63 14.71 16.15
CA ASN G 29 -2.22 14.47 16.50
C ASN G 29 -1.30 14.53 15.27
N TYR G 30 -1.54 15.51 14.41
CA TYR G 30 -0.73 15.67 13.21
C TYR G 30 0.53 16.50 13.46
N SER G 31 0.44 17.52 14.30
CA SER G 31 1.60 18.34 14.67
C SER G 31 1.27 19.06 15.97
N GLU G 32 2.29 19.69 16.55
CA GLU G 32 2.10 20.45 17.77
C GLU G 32 1.25 21.69 17.53
N ARG G 33 1.45 22.36 16.39
CA ARG G 33 0.75 23.60 16.07
C ARG G 33 0.17 23.54 14.66
N VAL G 34 -0.92 24.26 14.44
CA VAL G 34 -1.59 24.33 13.14
C VAL G 34 -1.75 25.80 12.77
N GLY G 35 -1.21 26.19 11.61
CA GLY G 35 -1.30 27.57 11.18
C GLY G 35 -2.69 27.95 10.71
N ALA G 36 -2.91 29.27 10.60
CA ALA G 36 -4.23 29.79 10.28
C ALA G 36 -4.63 29.49 8.84
N GLY G 37 -3.68 29.54 7.90
CA GLY G 37 -4.00 29.29 6.51
C GLY G 37 -4.22 27.84 6.14
N ALA G 38 -3.72 26.90 6.97
CA ALA G 38 -3.84 25.48 6.66
C ALA G 38 -5.27 24.94 6.58
N PRO G 39 -6.21 25.24 7.52
CA PRO G 39 -7.58 24.71 7.30
C PRO G 39 -8.31 25.41 6.16
N VAL G 40 -7.94 26.64 5.82
CA VAL G 40 -8.55 27.33 4.67
C VAL G 40 -8.18 26.60 3.38
N TYR G 41 -6.90 26.29 3.22
CA TYR G 41 -6.40 25.59 2.03
C TYR G 41 -7.00 24.19 1.92
N LEU G 42 -7.05 23.46 3.05
CA LEU G 42 -7.57 22.10 3.05
C LEU G 42 -9.06 22.06 2.73
N ALA G 43 -9.84 23.00 3.29
CA ALA G 43 -11.27 23.06 3.01
C ALA G 43 -11.54 23.38 1.54
N ALA G 44 -10.71 24.24 0.94
CA ALA G 44 -10.86 24.58 -0.47
C ALA G 44 -10.55 23.38 -1.38
N VAL G 45 -9.55 22.58 -1.01
CA VAL G 45 -9.19 21.40 -1.80
C VAL G 45 -10.29 20.34 -1.71
N LEU G 46 -10.81 20.10 -0.49
CA LEU G 46 -11.88 19.13 -0.30
C LEU G 46 -13.16 19.54 -1.04
N GLU G 47 -13.47 20.84 -1.04
CA GLU G 47 -14.62 21.34 -1.77
C GLU G 47 -14.45 21.17 -3.28
N TYR G 48 -13.23 21.40 -3.79
CA TYR G 48 -12.98 21.26 -5.22
C TYR G 48 -13.15 19.82 -5.69
N LEU G 49 -12.61 18.86 -4.92
CA LEU G 49 -12.70 17.45 -5.31
C LEU G 49 -14.13 16.94 -5.23
N THR G 50 -14.90 17.44 -4.25
CA THR G 50 -16.31 17.09 -4.13
C THR G 50 -17.10 17.58 -5.34
N ALA G 51 -16.83 18.82 -5.79
CA ALA G 51 -17.55 19.39 -6.93
C ALA G 51 -17.23 18.67 -8.23
N GLU G 52 -16.00 18.19 -8.38
CA GLU G 52 -15.63 17.45 -9.59
C GLU G 52 -16.37 16.12 -9.70
N ILE G 53 -16.50 15.39 -8.58
CA ILE G 53 -17.20 14.11 -8.60
C ILE G 53 -18.69 14.29 -8.81
N LEU G 54 -19.28 15.27 -8.11
CA LEU G 54 -20.72 15.51 -8.20
C LEU G 54 -21.13 16.01 -9.59
N GLU G 55 -20.24 16.73 -10.27
CA GLU G 55 -20.51 17.16 -11.65
C GLU G 55 -20.59 15.96 -12.59
N LEU G 56 -19.62 15.05 -12.49
CA LEU G 56 -19.60 13.88 -13.36
C LEU G 56 -20.69 12.88 -12.98
N ALA G 57 -21.02 12.79 -11.69
CA ALA G 57 -22.07 11.87 -11.25
C ALA G 57 -23.45 12.38 -11.63
N GLY G 58 -23.66 13.69 -11.58
CA GLY G 58 -24.92 14.26 -12.03
C GLY G 58 -25.15 14.08 -13.52
N ASN G 59 -24.07 14.13 -14.30
CA ASN G 59 -24.16 13.87 -15.73
C ASN G 59 -24.51 12.40 -16.01
N ALA G 60 -23.98 11.48 -15.19
CA ALA G 60 -24.30 10.07 -15.35
C ALA G 60 -25.74 9.78 -14.97
N ALA G 61 -26.27 10.49 -13.96
CA ALA G 61 -27.67 10.34 -13.59
C ALA G 61 -28.60 10.85 -14.68
N ARG G 62 -28.24 11.97 -15.31
CA ARG G 62 -29.03 12.50 -16.42
C ARG G 62 -28.97 11.58 -17.63
N ASP G 63 -27.82 10.93 -17.85
CA ASP G 63 -27.69 9.97 -18.95
C ASP G 63 -28.53 8.72 -18.72
N ASN G 64 -28.77 8.36 -17.46
CA ASN G 64 -29.57 7.20 -17.08
C ASN G 64 -31.04 7.64 -16.93
N LYS G 65 -31.32 8.92 -17.22
CA LYS G 65 -32.66 9.55 -17.12
C LYS G 65 -33.21 9.46 -15.70
N LYS G 66 -32.39 9.87 -14.74
CA LYS G 66 -32.75 9.86 -13.33
C LYS G 66 -32.52 11.23 -12.72
N THR G 67 -33.32 11.56 -11.71
CA THR G 67 -33.19 12.81 -10.98
C THR G 67 -32.16 12.70 -9.86
N ARG G 68 -32.09 11.56 -9.19
CA ARG G 68 -31.35 11.40 -7.95
C ARG G 68 -30.07 10.60 -8.19
N ILE G 69 -28.95 11.10 -7.67
CA ILE G 69 -27.67 10.41 -7.75
C ILE G 69 -27.67 9.21 -6.81
N ILE G 70 -27.32 8.03 -7.33
CA ILE G 70 -27.26 6.78 -6.57
C ILE G 70 -25.82 6.28 -6.61
N PRO G 71 -25.40 5.28 -5.80
CA PRO G 71 -23.99 4.83 -5.84
C PRO G 71 -23.51 4.29 -7.18
N ARG G 72 -24.41 3.76 -8.01
CA ARG G 72 -24.06 3.36 -9.38
C ARG G 72 -23.54 4.55 -10.19
N HIS G 73 -24.16 5.72 -10.02
CA HIS G 73 -23.77 6.92 -10.76
C HIS G 73 -22.39 7.41 -10.33
N LEU G 74 -22.06 7.31 -9.04
CA LEU G 74 -20.74 7.69 -8.55
C LEU G 74 -19.67 6.76 -9.10
N GLN G 75 -19.96 5.46 -9.18
CA GLN G 75 -19.01 4.49 -9.72
C GLN G 75 -18.75 4.73 -11.20
N LEU G 76 -19.81 5.01 -11.97
CA LEU G 76 -19.66 5.32 -13.39
C LEU G 76 -18.86 6.62 -13.60
N ALA G 77 -19.07 7.61 -12.74
CA ALA G 77 -18.33 8.86 -12.83
C ALA G 77 -16.85 8.66 -12.56
N ILE G 78 -16.52 7.89 -11.54
CA ILE G 78 -15.12 7.71 -11.14
C ILE G 78 -14.35 6.87 -12.15
N ARG G 79 -14.93 5.72 -12.55
CA ARG G 79 -14.20 4.79 -13.39
C ARG G 79 -14.07 5.25 -14.84
N ASN G 80 -14.91 6.19 -15.28
CA ASN G 80 -14.78 6.72 -16.64
C ASN G 80 -13.87 7.95 -16.73
N ASP G 81 -13.41 8.47 -15.60
CA ASP G 81 -12.48 9.61 -15.57
C ASP G 81 -11.12 9.12 -15.11
N GLU G 82 -10.09 9.36 -15.93
CA GLU G 82 -8.79 8.72 -15.74
C GLU G 82 -8.12 9.18 -14.45
N GLU G 83 -8.19 10.48 -14.15
CA GLU G 83 -7.50 11.00 -12.96
C GLU G 83 -8.19 10.57 -11.67
N LEU G 84 -9.53 10.61 -11.65
CA LEU G 84 -10.27 10.14 -10.48
C LEU G 84 -10.12 8.65 -10.28
N ASN G 85 -10.03 7.89 -11.38
CA ASN G 85 -9.81 6.44 -11.29
C ASN G 85 -8.44 6.13 -10.73
N LYS G 86 -7.45 6.98 -11.02
CA LYS G 86 -6.13 6.84 -10.42
C LYS G 86 -6.17 7.18 -8.94
N LEU G 87 -6.88 8.26 -8.58
CA LEU G 87 -6.93 8.70 -7.19
C LEU G 87 -7.65 7.69 -6.30
N LEU G 88 -8.80 7.19 -6.73
CA LEU G 88 -9.53 6.15 -6.01
C LEU G 88 -9.25 4.77 -6.58
N GLY G 89 -7.98 4.40 -6.77
CA GLY G 89 -7.65 3.15 -7.42
C GLY G 89 -7.84 1.92 -6.56
N ARG G 90 -7.73 2.06 -5.25
CA ARG G 90 -7.86 0.95 -4.32
C ARG G 90 -9.10 1.08 -3.45
N VAL G 91 -10.18 1.60 -4.02
CA VAL G 91 -11.41 1.90 -3.29
C VAL G 91 -12.55 1.08 -3.88
N THR G 92 -13.33 0.43 -3.02
CA THR G 92 -14.54 -0.29 -3.41
C THR G 92 -15.76 0.58 -3.06
N ILE G 93 -16.58 0.87 -4.06
CA ILE G 93 -17.84 1.58 -3.86
C ILE G 93 -18.93 0.54 -3.66
N ALA G 94 -19.56 0.53 -2.49
CA ALA G 94 -20.63 -0.43 -2.20
C ALA G 94 -21.84 -0.15 -3.08
N GLN G 95 -22.42 -1.23 -3.62
CA GLN G 95 -23.52 -1.21 -4.60
C GLN G 95 -23.15 -0.41 -5.86
N GLY G 96 -21.88 -0.42 -6.24
CA GLY G 96 -21.43 0.35 -7.39
C GLY G 96 -21.42 -0.41 -8.70
N GLY G 97 -21.25 -1.73 -8.65
CA GLY G 97 -21.14 -2.50 -9.88
C GLY G 97 -19.80 -2.27 -10.57
N VAL G 98 -19.75 -2.67 -11.85
CA VAL G 98 -18.54 -2.54 -12.67
C VAL G 98 -18.91 -1.83 -13.97
N LEU G 99 -17.90 -1.41 -14.71
CA LEU G 99 -18.10 -0.86 -16.04
C LEU G 99 -18.45 -1.99 -17.01
N PRO G 100 -19.36 -1.75 -17.95
CA PRO G 100 -19.58 -2.72 -19.04
C PRO G 100 -18.36 -2.83 -19.93
N ASN G 101 -17.81 -4.05 -20.03
CA ASN G 101 -16.60 -4.28 -20.80
C ASN G 101 -16.52 -5.76 -21.14
N ILE G 102 -16.57 -6.08 -22.43
CA ILE G 102 -16.42 -7.44 -22.94
C ILE G 102 -15.20 -7.46 -23.85
N GLN G 103 -14.30 -8.41 -23.61
CA GLN G 103 -13.10 -8.53 -24.43
C GLN G 103 -13.47 -8.92 -25.86
N ALA G 104 -12.82 -8.27 -26.83
CA ALA G 104 -13.25 -8.33 -28.22
C ALA G 104 -13.13 -9.72 -28.83
N VAL G 105 -12.20 -10.54 -28.32
CA VAL G 105 -12.03 -11.91 -28.80
C VAL G 105 -13.18 -12.82 -28.37
N LEU G 106 -14.01 -12.40 -27.42
CA LEU G 106 -15.15 -13.20 -26.99
C LEU G 106 -16.43 -12.92 -27.78
N LEU G 107 -16.42 -11.90 -28.65
CA LEU G 107 -17.59 -11.58 -29.46
C LEU G 107 -17.79 -12.63 -30.56
N PRO G 108 -19.03 -12.80 -31.03
CA PRO G 108 -19.26 -13.73 -32.15
C PRO G 108 -18.59 -13.25 -33.43
N LYS G 109 -18.17 -14.21 -34.24
CA LYS G 109 -17.40 -13.91 -35.45
C LYS G 109 -18.32 -13.48 -36.59
N ARG H 1 -27.85 9.13 23.48
CA ARG H 1 -26.95 8.97 22.34
C ARG H 1 -26.30 10.31 21.97
N SER H 2 -24.99 10.30 21.80
CA SER H 2 -24.26 11.51 21.47
C SER H 2 -24.51 11.94 20.02
N ARG H 3 -24.31 13.22 19.76
CA ARG H 3 -24.54 13.78 18.43
C ARG H 3 -23.48 13.29 17.45
N LYS H 4 -23.91 13.03 16.22
CA LYS H 4 -23.02 12.55 15.16
C LYS H 4 -22.80 13.67 14.14
N GLU H 5 -21.54 13.90 13.79
CA GLU H 5 -21.18 14.92 12.82
C GLU H 5 -20.91 14.28 11.46
N SER H 6 -21.17 15.05 10.40
CA SER H 6 -20.92 14.60 9.04
C SER H 6 -20.79 15.83 8.13
N TYR H 7 -20.41 15.57 6.88
CA TYR H 7 -20.24 16.59 5.86
C TYR H 7 -21.45 16.74 4.95
N SER H 8 -22.61 16.18 5.35
N SER H 8 -22.62 16.19 5.33
CA SER H 8 -23.76 16.05 4.46
CA SER H 8 -23.74 16.06 4.39
C SER H 8 -24.34 17.41 4.07
C SER H 8 -24.36 17.40 4.05
N VAL H 9 -24.39 18.36 5.00
N VAL H 9 -24.39 18.35 4.99
CA VAL H 9 -24.97 19.67 4.70
CA VAL H 9 -24.97 19.67 4.70
C VAL H 9 -24.09 20.45 3.73
N TYR H 10 -22.77 20.20 3.75
CA TYR H 10 -21.87 20.91 2.85
C TYR H 10 -21.83 20.27 1.48
N VAL H 11 -21.90 18.94 1.41
CA VAL H 11 -21.96 18.22 0.14
C VAL H 11 -23.21 18.62 -0.64
N TYR H 12 -24.34 18.76 0.07
CA TYR H 12 -25.59 19.18 -0.56
C TYR H 12 -25.51 20.60 -1.11
N LYS H 13 -24.82 21.50 -0.40
CA LYS H 13 -24.65 22.87 -0.88
C LYS H 13 -23.81 22.91 -2.15
N VAL H 14 -22.78 22.06 -2.23
CA VAL H 14 -21.96 22.00 -3.43
C VAL H 14 -22.75 21.40 -4.60
N LEU H 15 -23.60 20.41 -4.31
CA LEU H 15 -24.42 19.77 -5.34
C LEU H 15 -25.40 20.75 -5.98
N LYS H 16 -25.99 21.62 -5.16
CA LYS H 16 -26.95 22.61 -5.68
C LYS H 16 -26.26 23.65 -6.55
N GLN H 17 -24.97 23.88 -6.33
CA GLN H 17 -24.21 24.78 -7.19
C GLN H 17 -23.98 24.18 -8.57
N VAL H 18 -23.56 22.91 -8.63
CA VAL H 18 -23.17 22.30 -9.89
C VAL H 18 -24.38 21.73 -10.65
N HIS H 19 -25.42 21.28 -9.94
CA HIS H 19 -26.60 20.68 -10.56
C HIS H 19 -27.81 21.10 -9.73
N PRO H 20 -28.43 22.25 -10.05
CA PRO H 20 -29.50 22.78 -9.20
C PRO H 20 -30.76 21.92 -9.12
N ASP H 21 -31.03 21.09 -10.13
CA ASP H 21 -32.25 20.29 -10.17
C ASP H 21 -31.97 18.80 -9.98
N THR H 22 -30.93 18.45 -9.23
CA THR H 22 -30.52 17.07 -9.04
C THR H 22 -30.39 16.78 -7.55
N GLY H 23 -31.00 15.68 -7.09
CA GLY H 23 -30.88 15.24 -5.73
C GLY H 23 -29.85 14.13 -5.55
N ILE H 24 -29.86 13.55 -4.35
CA ILE H 24 -28.90 12.50 -4.01
C ILE H 24 -29.53 11.58 -2.95
N SER H 25 -29.33 10.28 -3.10
CA SER H 25 -29.87 9.31 -2.17
C SER H 25 -29.03 9.24 -0.90
N SER H 26 -29.61 8.64 0.14
CA SER H 26 -28.92 8.54 1.43
C SER H 26 -27.70 7.64 1.36
N LYS H 27 -27.78 6.57 0.55
CA LYS H 27 -26.63 5.69 0.37
C LYS H 27 -25.49 6.40 -0.37
N ALA H 28 -25.81 7.19 -1.39
CA ALA H 28 -24.80 7.93 -2.13
C ALA H 28 -24.18 9.04 -1.27
N MET H 29 -24.99 9.64 -0.39
CA MET H 29 -24.48 10.61 0.57
C MET H 29 -23.50 9.97 1.54
N GLY H 30 -23.75 8.70 1.92
CA GLY H 30 -22.80 7.98 2.74
C GLY H 30 -21.48 7.72 2.04
N ILE H 31 -21.53 7.49 0.72
CA ILE H 31 -20.31 7.34 -0.07
C ILE H 31 -19.48 8.63 -0.06
N MET H 32 -20.14 9.76 -0.28
CA MET H 32 -19.45 11.06 -0.36
C MET H 32 -18.83 11.44 0.98
N ASN H 33 -19.50 11.09 2.09
N ASN H 33 -19.50 11.11 2.09
CA ASN H 33 -18.94 11.34 3.42
CA ASN H 33 -18.95 11.39 3.41
C ASN H 33 -17.68 10.51 3.66
C ASN H 33 -17.69 10.59 3.69
N SER H 34 -17.69 9.25 3.22
N SER H 34 -17.68 9.32 3.25
CA SER H 34 -16.51 8.40 3.32
CA SER H 34 -16.48 8.50 3.42
C SER H 34 -15.37 8.93 2.46
C SER H 34 -15.36 8.95 2.49
N PHE H 35 -15.70 9.49 1.29
N PHE H 35 -15.70 9.49 1.31
CA PHE H 35 -14.68 10.02 0.39
CA PHE H 35 -14.69 10.01 0.40
C PHE H 35 -13.97 11.23 0.99
N VAL H 36 -14.73 12.15 1.59
CA VAL H 36 -14.16 13.37 2.18
C VAL H 36 -13.25 13.03 3.35
N ASN H 37 -13.67 12.11 4.22
CA ASN H 37 -12.85 11.69 5.35
C ASN H 37 -11.58 10.97 4.90
N ASP H 38 -11.68 10.20 3.80
CA ASP H 38 -10.51 9.50 3.26
C ASP H 38 -9.47 10.49 2.73
N ILE H 39 -9.89 11.47 1.94
CA ILE H 39 -8.96 12.43 1.36
C ILE H 39 -8.36 13.34 2.45
N PHE H 40 -9.16 13.66 3.47
CA PHE H 40 -8.68 14.47 4.60
C PHE H 40 -7.49 13.81 5.31
N GLU H 41 -7.60 12.51 5.61
CA GLU H 41 -6.54 11.86 6.37
C GLU H 41 -5.31 11.62 5.50
N ARG H 42 -5.51 11.43 4.19
CA ARG H 42 -4.39 11.30 3.26
C ARG H 42 -3.57 12.58 3.23
N ILE H 43 -4.24 13.74 3.11
CA ILE H 43 -3.53 15.02 3.02
C ILE H 43 -2.89 15.37 4.36
N ALA H 44 -3.64 15.21 5.45
CA ALA H 44 -3.14 15.57 6.77
C ALA H 44 -1.99 14.66 7.22
N GLY H 45 -2.04 13.38 6.82
CA GLY H 45 -0.95 12.47 7.14
C GLY H 45 0.34 12.83 6.42
N GLU H 46 0.23 13.16 5.12
CA GLU H 46 1.41 13.54 4.35
C GLU H 46 1.97 14.88 4.83
N ALA H 47 1.08 15.81 5.21
CA ALA H 47 1.52 17.11 5.74
C ALA H 47 2.22 16.95 7.08
N SER H 48 1.76 15.99 7.89
CA SER H 48 2.40 15.70 9.18
C SER H 48 3.82 15.17 8.97
N ARG H 49 3.99 14.26 8.00
CA ARG H 49 5.32 13.69 7.74
C ARG H 49 6.27 14.73 7.15
N LEU H 50 5.74 15.66 6.34
CA LEU H 50 6.56 16.72 5.75
C LEU H 50 7.12 17.64 6.82
N ALA H 51 6.30 18.00 7.81
CA ALA H 51 6.78 18.82 8.92
C ALA H 51 7.81 18.06 9.76
N HIS H 52 7.61 16.76 9.93
CA HIS H 52 8.56 15.94 10.68
C HIS H 52 9.91 15.83 9.97
N TYR H 53 9.89 15.69 8.64
CA TYR H 53 11.14 15.57 7.88
C TYR H 53 11.96 16.85 7.93
N ASN H 54 11.30 18.00 8.00
CA ASN H 54 11.97 19.29 7.95
C ASN H 54 12.14 19.91 9.33
N LYS H 55 11.87 19.15 10.40
CA LYS H 55 12.03 19.57 11.81
C LYS H 55 11.23 20.83 12.12
N ARG H 56 9.97 20.85 11.68
CA ARG H 56 9.05 21.94 11.96
C ARG H 56 7.95 21.44 12.88
N SER H 57 7.49 22.31 13.78
CA SER H 57 6.43 21.98 14.71
C SER H 57 5.06 22.49 14.28
N THR H 58 4.96 23.14 13.11
CA THR H 58 3.71 23.76 12.65
C THR H 58 3.35 23.24 11.26
N ILE H 59 2.09 22.87 11.07
CA ILE H 59 1.55 22.57 9.76
C ILE H 59 0.93 23.86 9.20
N THR H 60 1.47 24.33 8.09
CA THR H 60 1.05 25.58 7.47
C THR H 60 0.39 25.30 6.12
N SER H 61 0.05 26.38 5.42
N SER H 61 0.05 26.39 5.42
CA SER H 61 -0.49 26.23 4.06
CA SER H 61 -0.46 26.30 4.06
C SER H 61 0.56 25.71 3.08
C SER H 61 0.57 25.69 3.11
N ARG H 62 1.85 25.94 3.37
N ARG H 62 1.87 25.94 3.37
CA ARG H 62 2.92 25.39 2.53
CA ARG H 62 2.92 25.39 2.53
C ARG H 62 2.95 23.86 2.59
N GLU H 63 2.75 23.29 3.79
CA GLU H 63 2.74 21.83 3.92
C GLU H 63 1.53 21.20 3.25
N ILE H 64 0.37 21.88 3.33
CA ILE H 64 -0.84 21.37 2.67
C ILE H 64 -0.66 21.37 1.16
N GLN H 65 -0.07 22.43 0.61
CA GLN H 65 0.11 22.54 -0.84
C GLN H 65 1.09 21.48 -1.37
N THR H 66 2.18 21.22 -0.65
CA THR H 66 3.12 20.18 -1.06
C THR H 66 2.47 18.80 -0.99
N ALA H 67 1.68 18.54 0.06
CA ALA H 67 0.98 17.27 0.21
C ALA H 67 -0.02 17.05 -0.91
N VAL H 68 -0.66 18.12 -1.39
CA VAL H 68 -1.60 18.03 -2.51
C VAL H 68 -0.87 17.64 -3.80
N ARG H 69 0.30 18.25 -4.03
CA ARG H 69 1.11 17.93 -5.21
C ARG H 69 1.64 16.50 -5.16
N LEU H 70 1.91 15.97 -3.98
CA LEU H 70 2.37 14.59 -3.87
C LEU H 70 1.23 13.58 -4.06
N LEU H 71 0.02 13.91 -3.63
CA LEU H 71 -1.07 12.94 -3.60
C LEU H 71 -1.96 12.97 -4.82
N LEU H 72 -2.20 14.13 -5.40
CA LEU H 72 -3.14 14.19 -6.52
C LEU H 72 -2.40 14.05 -7.85
N PRO H 73 -2.97 13.35 -8.82
CA PRO H 73 -2.33 13.23 -10.12
C PRO H 73 -2.66 14.39 -11.06
N GLY H 74 -1.65 14.75 -11.85
CA GLY H 74 -1.75 15.60 -13.02
C GLY H 74 -2.56 16.89 -12.96
N GLU H 75 -3.63 16.94 -13.74
CA GLU H 75 -4.44 18.15 -13.83
C GLU H 75 -5.30 18.38 -12.60
N LEU H 76 -5.63 17.31 -11.85
CA LEU H 76 -6.36 17.48 -10.60
C LEU H 76 -5.52 18.25 -9.58
N ALA H 77 -4.22 17.96 -9.52
CA ALA H 77 -3.34 18.66 -8.58
C ALA H 77 -3.18 20.13 -8.96
N LYS H 78 -3.14 20.43 -10.26
CA LYS H 78 -2.94 21.80 -10.71
C LYS H 78 -4.13 22.69 -10.37
N HIS H 79 -5.34 22.20 -10.60
CA HIS H 79 -6.53 23.00 -10.30
C HIS H 79 -6.78 23.10 -8.80
N ALA H 80 -6.45 22.04 -8.05
CA ALA H 80 -6.63 22.07 -6.59
C ALA H 80 -5.72 23.09 -5.93
N VAL H 81 -4.48 23.21 -6.44
CA VAL H 81 -3.54 24.22 -5.94
C VAL H 81 -4.07 25.62 -6.22
N SER H 82 -4.66 25.83 -7.40
CA SER H 82 -5.24 27.13 -7.75
C SER H 82 -6.43 27.48 -6.85
N GLU H 83 -7.27 26.49 -6.53
CA GLU H 83 -8.41 26.73 -5.65
C GLU H 83 -7.96 27.04 -4.22
N GLY H 84 -6.95 26.32 -3.73
CA GLY H 84 -6.44 26.58 -2.39
C GLY H 84 -5.75 27.92 -2.25
N THR H 85 -4.94 28.29 -3.25
CA THR H 85 -4.24 29.57 -3.23
C THR H 85 -5.21 30.75 -3.29
N LYS H 86 -6.24 30.64 -4.13
CA LYS H 86 -7.25 31.69 -4.25
C LYS H 86 -8.03 31.89 -2.94
N ALA H 87 -8.37 30.79 -2.27
CA ALA H 87 -9.13 30.88 -1.02
C ALA H 87 -8.30 31.49 0.11
N VAL H 88 -7.01 31.17 0.17
CA VAL H 88 -6.12 31.75 1.19
C VAL H 88 -5.92 33.25 0.92
N THR H 89 -5.80 33.64 -0.35
CA THR H 89 -5.63 35.05 -0.71
C THR H 89 -6.87 35.86 -0.35
N LYS H 90 -8.06 35.31 -0.61
CA LYS H 90 -9.30 36.01 -0.27
C LYS H 90 -9.50 36.07 1.24
N TYR H 91 -9.08 35.02 1.96
CA TYR H 91 -9.17 35.01 3.42
C TYR H 91 -8.21 36.03 4.04
N THR H 92 -7.03 36.19 3.44
CA THR H 92 -6.05 37.15 3.96
C THR H 92 -6.52 38.59 3.78
N SER H 93 -7.10 38.90 2.61
CA SER H 93 -7.53 40.26 2.30
C SER H 93 -8.69 40.72 3.17
N ALA H 94 -9.47 39.79 3.69
CA ALA H 94 -10.58 40.13 4.58
C ALA H 94 -11.51 38.94 4.74
#